data_4X9H
#
_entry.id   4X9H
#
_cell.length_a   95.222
_cell.length_b   60.950
_cell.length_c   92.351
_cell.angle_alpha   90.00
_cell.angle_beta   93.56
_cell.angle_gamma   90.00
#
_symmetry.space_group_name_H-M   'P 1 21 1'
#
loop_
_entity.id
_entity.type
_entity.pdbx_description
1 polymer 'Down syndrome cell adhesion molecule, isoform AP'
2 branched alpha-D-mannopyranose-(1-3)-beta-D-mannopyranose-(1-4)-2-acetamido-2-deoxy-beta-D-glucopyranose-(1-4)-2-acetamido-2-deoxy-beta-D-glucopyranose
3 non-polymer 2-acetamido-2-deoxy-beta-D-glucopyranose
4 water water
#
_entity_poly.entity_id   1
_entity_poly.type   'polypeptide(L)'
_entity_poly.pdbx_seq_one_letter_code
;GGADQKGPVFLKEPTNRIDFSNSTGAEIECKASGNPMPEIIWIRSDGTAVGDVPGLRQISSDGKLVFPPFRAEDYRQEVH
AQVYACLARNQFGSIISRDVHVRAVVSQFYITEAENEYVIKGNAAVVKCKIPSFVADFVQVEAWVDEEGMELWRNNATDA
YDGKYLVLPSGELHIREVGPEDGYKSYQCRTKHRLTGETRLSATKGRLVITEPVGSVSPQLSGNGNQEHITLTRVPKMGS
VTLMCPAQAYPVPFFRWYKFIEGTTRKQAVVLNDRVKQVSGTLIIKDAVVEDSGKYLCVVNNSVGGESVETVLTVTAPLS
AKIDPPTQTVDFGRPAVFTCQYTGNPIKTVSWMKDGKAIGHSEPVLRIESVKKEDKGMYQCFVRNDQESAEASAELKLGG
;
_entity_poly.pdbx_strand_id   A,B
#
# COMPACT_ATOMS: atom_id res chain seq x y z
N GLN A 5 7.86 -19.71 -52.99
CA GLN A 5 7.95 -21.06 -52.36
C GLN A 5 7.51 -21.00 -50.90
N LYS A 6 7.80 -19.88 -50.23
CA LYS A 6 7.41 -19.73 -48.84
C LYS A 6 7.15 -18.26 -48.49
N GLY A 7 6.40 -18.04 -47.42
CA GLY A 7 6.05 -16.70 -46.98
C GLY A 7 7.07 -16.10 -46.03
N PRO A 8 6.76 -14.92 -45.49
CA PRO A 8 7.67 -14.20 -44.59
C PRO A 8 7.90 -14.92 -43.26
N VAL A 9 9.14 -14.91 -42.79
CA VAL A 9 9.48 -15.35 -41.44
C VAL A 9 10.60 -14.48 -40.89
N PHE A 10 10.52 -14.12 -39.62
CA PHE A 10 11.49 -13.20 -39.02
C PHE A 10 12.81 -13.90 -38.69
N LEU A 11 13.90 -13.28 -39.13
CA LEU A 11 15.24 -13.77 -38.85
C LEU A 11 15.71 -13.16 -37.52
N LYS A 12 15.86 -11.84 -37.51
CA LYS A 12 16.13 -11.09 -36.28
C LYS A 12 15.04 -10.06 -36.04
N GLU A 13 14.33 -10.20 -34.91
CA GLU A 13 13.33 -9.23 -34.52
C GLU A 13 13.95 -8.08 -33.74
N PRO A 14 13.26 -6.93 -33.69
CA PRO A 14 13.66 -5.86 -32.78
C PRO A 14 13.34 -6.24 -31.33
N THR A 15 13.66 -5.37 -30.37
CA THR A 15 13.43 -5.68 -28.97
C THR A 15 12.13 -5.06 -28.47
N ASN A 16 11.81 -5.32 -27.20
CA ASN A 16 10.63 -4.75 -26.58
C ASN A 16 10.86 -3.32 -26.13
N ARG A 17 12.06 -3.07 -25.58
CA ARG A 17 12.42 -1.75 -25.05
C ARG A 17 13.74 -1.28 -25.62
N ILE A 18 13.77 -0.04 -26.09
CA ILE A 18 15.03 0.67 -26.32
C ILE A 18 14.94 2.02 -25.62
N ASP A 19 15.78 2.20 -24.61
CA ASP A 19 15.85 3.44 -23.86
C ASP A 19 17.23 4.06 -24.06
N PHE A 20 17.25 5.31 -24.51
CA PHE A 20 18.51 5.98 -24.85
C PHE A 20 18.45 7.48 -24.60
N SER A 21 19.58 8.05 -24.22
CA SER A 21 19.68 9.48 -24.01
C SER A 21 19.60 10.20 -25.34
N ASN A 22 19.15 11.45 -25.33
CA ASN A 22 19.15 12.25 -26.55
C ASN A 22 20.57 12.43 -27.07
N SER A 23 21.52 12.50 -26.14
CA SER A 23 22.94 12.65 -26.46
C SER A 23 23.47 11.39 -27.13
N THR A 24 22.75 10.28 -26.97
CA THR A 24 23.09 9.02 -27.60
C THR A 24 22.13 8.74 -28.77
N GLY A 25 22.64 8.11 -29.81
CA GLY A 25 21.80 7.71 -30.91
C GLY A 25 21.06 6.44 -30.51
N ALA A 26 20.46 5.78 -31.50
CA ALA A 26 19.85 4.46 -31.29
C ALA A 26 19.31 3.96 -32.61
N GLU A 27 19.09 2.66 -32.68
CA GLU A 27 18.53 2.07 -33.88
C GLU A 27 17.91 0.72 -33.53
N ILE A 28 17.03 0.24 -34.41
CA ILE A 28 16.40 -1.05 -34.22
C ILE A 28 16.42 -1.83 -35.54
N GLU A 29 16.87 -3.08 -35.46
CA GLU A 29 17.07 -3.90 -36.65
C GLU A 29 15.96 -4.91 -36.83
N CYS A 30 15.48 -5.02 -38.07
CA CYS A 30 14.55 -6.09 -38.44
C CYS A 30 15.05 -6.80 -39.69
N LYS A 31 15.42 -8.07 -39.53
CA LYS A 31 15.73 -8.93 -40.66
C LYS A 31 14.56 -9.86 -40.90
N ALA A 32 14.25 -10.11 -42.17
CA ALA A 32 13.16 -10.99 -42.54
C ALA A 32 13.65 -12.04 -43.53
N SER A 33 12.87 -13.09 -43.69
CA SER A 33 13.18 -14.15 -44.65
C SER A 33 11.94 -14.57 -45.43
N GLY A 34 12.17 -15.17 -46.59
CA GLY A 34 11.10 -15.57 -47.48
C GLY A 34 11.62 -15.90 -48.86
N ASN A 35 10.78 -16.54 -49.66
CA ASN A 35 11.12 -16.91 -51.03
C ASN A 35 10.00 -16.54 -52.00
N PRO A 36 10.05 -15.33 -52.57
CA PRO A 36 11.14 -14.35 -52.55
C PRO A 36 11.30 -13.61 -51.23
N MET A 37 12.46 -12.98 -51.04
CA MET A 37 12.72 -12.15 -49.86
C MET A 37 11.63 -11.08 -49.72
N PRO A 38 11.07 -10.93 -48.50
CA PRO A 38 10.05 -9.89 -48.33
C PRO A 38 10.64 -8.50 -48.20
N GLU A 39 9.86 -7.47 -48.55
CA GLU A 39 10.26 -6.09 -48.31
C GLU A 39 10.00 -5.75 -46.85
N ILE A 40 10.82 -4.88 -46.29
CA ILE A 40 10.67 -4.49 -44.90
C ILE A 40 10.01 -3.11 -44.84
N ILE A 41 9.01 -2.99 -43.98
CA ILE A 41 8.29 -1.74 -43.76
C ILE A 41 8.07 -1.51 -42.27
N TRP A 42 8.52 -0.36 -41.78
CA TRP A 42 8.32 0.03 -40.39
C TRP A 42 6.98 0.72 -40.25
N ILE A 43 6.28 0.43 -39.15
CA ILE A 43 4.94 0.97 -38.92
C ILE A 43 4.76 1.49 -37.49
N ARG A 44 3.86 2.45 -37.35
CA ARG A 44 3.53 3.02 -36.05
C ARG A 44 2.68 2.06 -35.22
N SER A 45 2.29 2.50 -34.03
CA SER A 45 1.46 1.68 -33.14
C SER A 45 0.07 1.48 -33.72
N ASP A 46 -0.33 2.33 -34.65
CA ASP A 46 -1.64 2.26 -35.28
C ASP A 46 -1.61 1.44 -36.58
N GLY A 47 -0.43 0.97 -36.95
CA GLY A 47 -0.26 0.14 -38.14
C GLY A 47 0.11 0.92 -39.38
N THR A 48 0.29 2.24 -39.23
CA THR A 48 0.61 3.11 -40.35
C THR A 48 2.11 3.18 -40.60
N ALA A 49 2.50 3.19 -41.87
CA ALA A 49 3.91 3.26 -42.25
C ALA A 49 4.55 4.56 -41.78
N VAL A 50 5.79 4.48 -41.33
CA VAL A 50 6.55 5.65 -40.91
C VAL A 50 7.47 6.12 -42.03
N GLY A 51 7.60 7.45 -42.16
CA GLY A 51 8.49 8.03 -43.14
C GLY A 51 9.74 8.60 -42.50
N ASP A 52 10.64 9.11 -43.33
CA ASP A 52 11.85 9.77 -42.83
C ASP A 52 11.52 11.12 -42.21
N VAL A 53 11.97 11.32 -40.98
CA VAL A 53 11.91 12.62 -40.32
C VAL A 53 13.34 13.15 -40.20
N PRO A 54 13.65 14.28 -40.85
CA PRO A 54 15.06 14.71 -40.90
C PRO A 54 15.66 14.97 -39.52
N GLY A 55 16.83 14.38 -39.26
CA GLY A 55 17.54 14.61 -38.02
C GLY A 55 16.98 13.85 -36.83
N LEU A 56 15.82 13.24 -37.01
CA LEU A 56 15.12 12.56 -35.93
C LEU A 56 15.08 11.05 -36.18
N ARG A 57 14.43 10.64 -37.26
CA ARG A 57 14.54 9.25 -37.72
C ARG A 57 14.59 9.14 -39.24
N GLN A 58 15.49 8.28 -39.71
N GLN A 58 15.49 8.27 -39.71
CA GLN A 58 15.59 7.96 -41.14
CA GLN A 58 15.59 7.96 -41.14
C GLN A 58 15.59 6.46 -41.32
C GLN A 58 15.60 6.45 -41.33
N ILE A 59 15.04 5.99 -42.44
CA ILE A 59 14.97 4.56 -42.72
C ILE A 59 16.19 4.16 -43.53
N SER A 60 17.05 3.36 -42.91
CA SER A 60 18.32 2.97 -43.50
C SER A 60 18.14 1.92 -44.60
N SER A 61 19.14 1.82 -45.47
CA SER A 61 19.12 0.87 -46.57
C SER A 61 19.02 -0.58 -46.08
N ASP A 62 19.43 -0.81 -44.84
CA ASP A 62 19.58 -2.16 -44.30
C ASP A 62 18.28 -2.67 -43.67
N GLY A 63 17.22 -1.88 -43.74
CA GLY A 63 15.95 -2.25 -43.14
C GLY A 63 15.98 -2.11 -41.63
N LYS A 64 16.49 -0.97 -41.18
CA LYS A 64 16.49 -0.63 -39.75
C LYS A 64 16.24 0.85 -39.55
N LEU A 65 15.41 1.18 -38.56
CA LEU A 65 15.17 2.57 -38.21
C LEU A 65 16.33 3.08 -37.35
N VAL A 66 16.85 4.24 -37.73
CA VAL A 66 17.96 4.87 -37.03
C VAL A 66 17.52 6.20 -36.42
N PHE A 67 17.59 6.30 -35.10
CA PHE A 67 17.33 7.55 -34.41
C PHE A 67 18.67 8.21 -34.07
N PRO A 68 19.05 9.26 -34.82
CA PRO A 68 20.29 9.96 -34.44
C PRO A 68 20.10 10.85 -33.22
N PRO A 69 21.21 11.26 -32.59
CA PRO A 69 21.16 12.18 -31.45
C PRO A 69 20.46 13.49 -31.81
N PHE A 70 19.89 14.17 -30.81
CA PHE A 70 19.16 15.40 -31.06
C PHE A 70 19.22 16.35 -29.86
N ARG A 71 19.01 17.64 -30.12
CA ARG A 71 18.91 18.63 -29.06
C ARG A 71 17.51 18.55 -28.45
N ALA A 72 17.42 18.79 -27.15
CA ALA A 72 16.18 18.61 -26.40
C ALA A 72 15.01 19.35 -27.02
N GLU A 73 15.28 20.46 -27.69
CA GLU A 73 14.23 21.27 -28.28
C GLU A 73 13.63 20.61 -29.51
N ASP A 74 14.33 19.61 -30.06
CA ASP A 74 13.87 18.89 -31.24
C ASP A 74 13.08 17.63 -30.88
N TYR A 75 12.89 17.39 -29.59
CA TYR A 75 12.09 16.24 -29.14
C TYR A 75 10.69 16.32 -29.72
N ARG A 76 10.23 15.21 -30.29
CA ARG A 76 8.86 15.10 -30.78
C ARG A 76 8.26 13.77 -30.34
N GLN A 77 7.17 13.86 -29.59
CA GLN A 77 6.54 12.68 -28.97
C GLN A 77 6.11 11.64 -29.98
N GLU A 78 5.63 12.09 -31.14
CA GLU A 78 5.18 11.18 -32.20
C GLU A 78 6.34 10.39 -32.79
N VAL A 79 7.56 10.74 -32.40
CA VAL A 79 8.75 10.03 -32.84
C VAL A 79 9.44 9.35 -31.66
N HIS A 80 9.90 10.17 -30.72
CA HIS A 80 10.81 9.72 -29.67
C HIS A 80 10.15 8.91 -28.55
N ALA A 81 8.83 9.02 -28.38
CA ALA A 81 8.11 8.16 -27.44
C ALA A 81 6.94 7.49 -28.15
N GLN A 82 7.05 6.18 -28.32
CA GLN A 82 6.07 5.44 -29.11
C GLN A 82 6.43 3.96 -29.23
N VAL A 83 5.44 3.17 -29.62
CA VAL A 83 5.62 1.76 -29.93
C VAL A 83 5.61 1.55 -31.45
N TYR A 84 6.75 1.10 -31.99
CA TYR A 84 6.85 0.79 -33.41
C TYR A 84 6.69 -0.70 -33.66
N ALA A 85 6.73 -1.08 -34.93
CA ALA A 85 6.73 -2.49 -35.32
C ALA A 85 7.31 -2.64 -36.72
N CYS A 86 7.75 -3.85 -37.05
CA CYS A 86 8.35 -4.16 -38.35
C CYS A 86 7.50 -5.16 -39.12
N LEU A 87 6.93 -4.70 -40.22
CA LEU A 87 6.12 -5.57 -41.08
C LEU A 87 6.94 -6.03 -42.27
N ALA A 88 6.97 -7.35 -42.48
CA ALA A 88 7.65 -7.95 -43.62
C ALA A 88 6.65 -8.78 -44.42
N ARG A 89 6.69 -8.65 -45.74
CA ARG A 89 5.72 -9.34 -46.57
C ARG A 89 6.20 -9.62 -48.01
N ASN A 90 5.54 -10.59 -48.63
CA ASN A 90 5.79 -10.95 -50.02
C ASN A 90 4.46 -11.43 -50.62
N GLN A 91 4.52 -12.04 -51.79
CA GLN A 91 3.33 -12.49 -52.51
C GLN A 91 2.34 -13.24 -51.63
N PHE A 92 2.86 -14.11 -50.77
CA PHE A 92 2.03 -15.07 -50.04
C PHE A 92 1.38 -14.48 -48.79
N GLY A 93 1.86 -13.35 -48.30
CA GLY A 93 1.25 -12.69 -47.16
C GLY A 93 2.17 -11.79 -46.37
N SER A 94 1.72 -11.40 -45.18
CA SER A 94 2.43 -10.44 -44.34
C SER A 94 2.47 -10.87 -42.88
N ILE A 95 3.55 -10.47 -42.20
CA ILE A 95 3.70 -10.72 -40.76
C ILE A 95 4.16 -9.44 -40.06
N ILE A 96 3.90 -9.34 -38.76
CA ILE A 96 4.28 -8.18 -37.98
C ILE A 96 5.09 -8.60 -36.75
N SER A 97 6.17 -7.86 -36.51
CA SER A 97 7.06 -8.12 -35.37
C SER A 97 6.43 -7.69 -34.05
N ARG A 98 6.98 -8.22 -32.97
CA ARG A 98 6.57 -7.84 -31.61
C ARG A 98 6.68 -6.33 -31.41
N ASP A 99 5.79 -5.79 -30.60
CA ASP A 99 5.78 -4.35 -30.29
C ASP A 99 7.16 -3.90 -29.80
N VAL A 100 7.64 -2.80 -30.36
CA VAL A 100 8.92 -2.22 -29.97
C VAL A 100 8.68 -0.89 -29.26
N HIS A 101 8.92 -0.86 -27.96
CA HIS A 101 8.72 0.38 -27.19
C HIS A 101 9.97 1.23 -27.28
N VAL A 102 9.83 2.40 -27.86
CA VAL A 102 10.93 3.33 -28.06
C VAL A 102 10.73 4.55 -27.17
N ARG A 103 11.64 4.74 -26.22
CA ARG A 103 11.63 5.92 -25.37
C ARG A 103 12.99 6.60 -25.38
N ALA A 104 13.04 7.80 -25.94
CA ALA A 104 14.24 8.61 -25.87
C ALA A 104 14.16 9.48 -24.62
N VAL A 105 15.28 9.61 -23.93
CA VAL A 105 15.32 10.33 -22.67
C VAL A 105 16.23 11.56 -22.77
N VAL A 106 15.71 12.69 -22.31
CA VAL A 106 16.51 13.90 -22.20
C VAL A 106 17.03 14.00 -20.77
N SER A 107 18.27 14.42 -20.62
CA SER A 107 18.85 14.55 -19.29
C SER A 107 18.15 15.69 -18.56
N GLN A 108 17.59 15.38 -17.40
CA GLN A 108 16.81 16.36 -16.64
C GLN A 108 17.47 16.66 -15.30
N PHE A 109 17.45 17.93 -14.92
CA PHE A 109 17.97 18.38 -13.64
C PHE A 109 17.27 17.67 -12.49
N TYR A 110 18.05 17.12 -11.56
CA TYR A 110 17.49 16.57 -10.34
C TYR A 110 18.51 16.60 -9.22
N ILE A 111 18.06 16.17 -8.04
CA ILE A 111 18.90 16.01 -6.87
C ILE A 111 18.30 14.93 -6.00
N THR A 112 19.11 14.28 -5.18
CA THR A 112 18.63 13.23 -4.29
C THR A 112 18.76 13.66 -2.84
N GLU A 113 18.31 12.80 -1.94
CA GLU A 113 18.34 13.09 -0.52
C GLU A 113 18.47 11.80 0.30
N ALA A 114 19.16 11.90 1.43
CA ALA A 114 19.17 10.84 2.42
C ALA A 114 18.50 11.36 3.69
N GLU A 115 17.33 10.81 4.00
CA GLU A 115 16.53 11.32 5.11
C GLU A 115 16.72 10.53 6.39
N ASN A 116 16.69 11.26 7.49
CA ASN A 116 16.77 10.67 8.82
C ASN A 116 15.59 9.73 9.05
N GLU A 117 15.80 8.70 9.86
CA GLU A 117 14.72 7.79 10.24
C GLU A 117 14.77 7.50 11.72
N TYR A 118 13.60 7.56 12.34
CA TYR A 118 13.48 7.52 13.79
C TYR A 118 13.23 6.08 14.22
N VAL A 119 13.94 5.64 15.25
CA VAL A 119 13.82 4.27 15.73
C VAL A 119 13.90 4.17 17.25
N ILE A 120 13.74 2.95 17.74
CA ILE A 120 13.87 2.63 19.16
C ILE A 120 15.12 1.77 19.32
N LYS A 121 15.78 1.91 20.47
CA LYS A 121 16.97 1.11 20.76
C LYS A 121 16.65 -0.38 20.66
N GLY A 122 17.42 -1.08 19.85
CA GLY A 122 17.25 -2.51 19.66
C GLY A 122 16.46 -2.87 18.41
N ASN A 123 15.65 -1.94 17.92
CA ASN A 123 14.92 -2.14 16.67
C ASN A 123 15.83 -1.93 15.46
N ALA A 124 15.44 -2.51 14.33
CA ALA A 124 16.24 -2.42 13.11
C ALA A 124 15.79 -1.24 12.24
N ALA A 125 16.76 -0.57 11.62
CA ALA A 125 16.50 0.61 10.80
C ALA A 125 16.78 0.34 9.33
N VAL A 126 16.03 1.00 8.46
CA VAL A 126 16.31 0.98 7.03
C VAL A 126 16.29 2.41 6.47
N VAL A 127 17.43 2.87 5.97
CA VAL A 127 17.55 4.24 5.45
C VAL A 127 17.26 4.25 3.95
N LYS A 128 16.45 5.22 3.53
CA LYS A 128 16.01 5.33 2.14
C LYS A 128 16.73 6.47 1.42
N CYS A 129 16.97 6.27 0.12
CA CYS A 129 17.46 7.35 -0.73
C CYS A 129 16.28 7.91 -1.52
N LYS A 130 15.99 9.20 -1.36
CA LYS A 130 14.87 9.80 -2.06
C LYS A 130 15.26 10.11 -3.50
N ILE A 131 14.56 9.48 -4.43
CA ILE A 131 14.75 9.71 -5.85
C ILE A 131 13.46 10.27 -6.45
N PRO A 132 13.50 11.51 -6.98
CA PRO A 132 12.29 12.07 -7.60
C PRO A 132 11.65 11.14 -8.62
N SER A 133 10.33 11.07 -8.63
CA SER A 133 9.59 10.09 -9.41
C SER A 133 9.93 10.08 -10.90
N PHE A 134 10.35 11.23 -11.44
CA PHE A 134 10.44 11.37 -12.89
C PHE A 134 11.70 10.72 -13.47
N VAL A 135 12.84 10.88 -12.78
CA VAL A 135 14.08 10.24 -13.22
C VAL A 135 14.32 8.91 -12.50
N ALA A 136 13.38 8.51 -11.65
CA ALA A 136 13.55 7.33 -10.82
C ALA A 136 13.69 6.05 -11.63
N ASP A 137 13.20 6.06 -12.86
CA ASP A 137 13.31 4.89 -13.73
C ASP A 137 14.77 4.63 -14.07
N PHE A 138 15.46 5.67 -14.53
CA PHE A 138 16.81 5.55 -15.05
C PHE A 138 17.89 5.72 -13.97
N VAL A 139 17.48 6.18 -12.79
CA VAL A 139 18.41 6.42 -11.70
C VAL A 139 18.25 5.35 -10.62
N GLN A 140 19.37 4.71 -10.28
CA GLN A 140 19.38 3.66 -9.28
C GLN A 140 20.57 3.83 -8.35
N VAL A 141 20.55 3.15 -7.21
CA VAL A 141 21.52 3.40 -6.14
C VAL A 141 22.73 2.48 -6.23
N GLU A 142 23.88 3.08 -6.54
CA GLU A 142 25.13 2.34 -6.65
C GLU A 142 25.66 1.89 -5.29
N ALA A 143 25.85 2.83 -4.38
CA ALA A 143 26.41 2.53 -3.07
C ALA A 143 26.04 3.61 -2.04
N TRP A 144 26.17 3.28 -0.76
CA TRP A 144 26.00 4.24 0.33
C TRP A 144 27.35 4.72 0.85
N VAL A 145 27.43 6.00 1.19
CA VAL A 145 28.68 6.63 1.61
C VAL A 145 28.53 7.27 2.99
N ASP A 146 29.40 6.89 3.92
CA ASP A 146 29.42 7.50 5.25
C ASP A 146 30.35 8.70 5.26
N GLU A 147 30.61 9.23 6.45
CA GLU A 147 31.43 10.43 6.59
C GLU A 147 32.94 10.13 6.56
N GLU A 148 33.29 8.85 6.62
CA GLU A 148 34.70 8.44 6.71
C GLU A 148 35.33 8.13 5.36
N GLY A 149 34.55 8.25 4.28
CA GLY A 149 35.02 7.83 2.98
C GLY A 149 34.92 6.32 2.84
N MET A 150 34.20 5.70 3.78
CA MET A 150 33.86 4.29 3.71
C MET A 150 32.77 4.18 2.65
N GLU A 151 32.18 3.00 2.50
CA GLU A 151 31.18 2.79 1.48
C GLU A 151 30.57 1.40 1.60
N LEU A 152 29.38 1.25 1.03
CA LEU A 152 28.67 -0.02 1.06
C LEU A 152 28.04 -0.31 -0.29
N TRP A 153 28.45 -1.41 -0.91
CA TRP A 153 27.84 -1.91 -2.13
C TRP A 153 27.05 -3.15 -1.75
N ARG A 154 26.40 -3.79 -2.73
CA ARG A 154 25.67 -5.02 -2.43
C ARG A 154 26.65 -6.17 -2.31
N ASN A 155 26.15 -7.35 -1.96
CA ASN A 155 26.98 -8.55 -1.80
C ASN A 155 26.14 -9.81 -1.91
N ASN A 156 26.76 -10.96 -1.66
CA ASN A 156 26.08 -12.24 -1.69
C ASN A 156 26.14 -12.92 -0.33
N TYR A 161 24.89 -11.17 4.77
CA TYR A 161 23.51 -10.93 5.20
C TYR A 161 23.40 -10.90 6.72
N ASP A 162 24.42 -11.42 7.40
CA ASP A 162 24.41 -11.55 8.85
C ASP A 162 25.07 -10.36 9.55
N GLY A 163 25.55 -9.39 8.76
CA GLY A 163 26.26 -8.25 9.32
C GLY A 163 25.35 -7.12 9.77
N LYS A 164 25.87 -6.25 10.61
CA LYS A 164 25.13 -5.08 11.08
C LYS A 164 24.70 -4.23 9.90
N TYR A 165 25.68 -3.63 9.23
CA TYR A 165 25.41 -2.82 8.04
C TYR A 165 25.31 -3.70 6.81
N LEU A 166 24.18 -3.59 6.10
CA LEU A 166 23.94 -4.35 4.89
C LEU A 166 23.15 -3.52 3.88
N VAL A 167 23.53 -3.61 2.61
CA VAL A 167 22.82 -2.91 1.54
C VAL A 167 21.85 -3.86 0.83
N LEU A 168 20.60 -3.43 0.70
CA LEU A 168 19.58 -4.24 0.06
C LEU A 168 19.64 -4.10 -1.45
N PRO A 169 19.19 -5.12 -2.19
CA PRO A 169 19.14 -5.03 -3.66
C PRO A 169 18.19 -3.92 -4.13
N SER A 170 17.30 -3.49 -3.25
CA SER A 170 16.39 -2.38 -3.56
C SER A 170 17.14 -1.05 -3.59
N GLY A 171 18.40 -1.07 -3.17
CA GLY A 171 19.23 0.12 -3.16
C GLY A 171 19.12 0.88 -1.85
N GLU A 172 18.72 0.18 -0.79
CA GLU A 172 18.55 0.78 0.52
C GLU A 172 19.57 0.23 1.50
N LEU A 173 19.54 0.75 2.73
CA LEU A 173 20.56 0.41 3.73
C LEU A 173 19.93 -0.06 5.03
N HIS A 174 20.16 -1.33 5.37
CA HIS A 174 19.57 -1.93 6.56
C HIS A 174 20.57 -1.95 7.71
N ILE A 175 20.09 -1.63 8.90
CA ILE A 175 20.91 -1.62 10.11
C ILE A 175 20.22 -2.47 11.18
N ARG A 176 20.99 -3.36 11.80
CA ARG A 176 20.46 -4.36 12.72
C ARG A 176 20.85 -4.07 14.17
N GLU A 177 19.88 -4.23 15.07
CA GLU A 177 20.13 -4.06 16.50
C GLU A 177 20.74 -2.70 16.81
N VAL A 178 19.95 -1.65 16.62
CA VAL A 178 20.44 -0.27 16.75
C VAL A 178 20.74 0.10 18.20
N GLY A 179 21.71 0.99 18.37
CA GLY A 179 22.02 1.60 19.64
C GLY A 179 22.52 3.01 19.38
N PRO A 180 22.64 3.83 20.43
CA PRO A 180 23.03 5.25 20.29
C PRO A 180 24.31 5.44 19.48
N GLU A 181 25.17 4.44 19.47
CA GLU A 181 26.43 4.48 18.73
C GLU A 181 26.18 4.69 17.23
N ASP A 182 24.99 4.29 16.78
CA ASP A 182 24.65 4.32 15.36
C ASP A 182 24.30 5.73 14.87
N GLY A 183 23.64 6.51 15.72
CA GLY A 183 23.26 7.86 15.37
C GLY A 183 24.46 8.80 15.31
N TYR A 184 25.64 8.26 15.60
CA TYR A 184 26.87 9.04 15.60
C TYR A 184 27.44 9.19 14.20
N LYS A 185 26.80 8.56 13.22
CA LYS A 185 27.28 8.55 11.85
C LYS A 185 26.19 8.97 10.88
N SER A 186 26.57 9.69 9.83
CA SER A 186 25.64 10.04 8.76
C SER A 186 25.89 9.16 7.55
N TYR A 187 25.06 9.32 6.52
CA TYR A 187 25.13 8.49 5.33
C TYR A 187 24.68 9.27 4.10
N GLN A 188 25.26 8.94 2.94
CA GLN A 188 24.87 9.55 1.68
C GLN A 188 24.78 8.47 0.60
N CYS A 189 23.78 8.55 -0.27
CA CYS A 189 23.59 7.54 -1.30
C CYS A 189 24.25 7.94 -2.62
N ARG A 190 24.94 6.97 -3.22
CA ARG A 190 25.58 7.14 -4.51
C ARG A 190 24.67 6.56 -5.60
N THR A 191 24.27 7.40 -6.55
CA THR A 191 23.31 6.99 -7.57
C THR A 191 23.95 6.97 -8.95
N LYS A 192 23.41 6.15 -9.85
CA LYS A 192 23.91 6.03 -11.21
C LYS A 192 22.78 6.05 -12.24
N HIS A 193 22.94 6.89 -13.24
CA HIS A 193 22.00 6.98 -14.35
C HIS A 193 22.45 6.01 -15.45
N ARG A 194 21.61 5.02 -15.74
CA ARG A 194 22.02 3.89 -16.57
C ARG A 194 22.18 4.22 -18.05
N LEU A 195 21.49 5.26 -18.53
CA LEU A 195 21.61 5.68 -19.92
C LEU A 195 22.88 6.49 -20.15
N THR A 196 23.16 7.39 -19.20
CA THR A 196 24.32 8.28 -19.26
C THR A 196 25.47 7.71 -18.45
N GLY A 197 25.24 7.51 -17.16
CA GLY A 197 26.30 7.18 -16.22
C GLY A 197 26.68 8.35 -15.33
N GLU A 198 25.84 9.38 -15.33
CA GLU A 198 25.94 10.46 -14.35
C GLU A 198 25.94 9.88 -12.94
N THR A 199 26.83 10.37 -12.09
CA THR A 199 26.89 9.96 -10.69
C THR A 199 26.72 11.15 -9.76
N ARG A 200 26.01 10.96 -8.66
CA ARG A 200 25.83 12.00 -7.67
C ARG A 200 25.97 11.47 -6.25
N LEU A 201 25.87 12.39 -5.29
CA LEU A 201 25.77 12.07 -3.88
C LEU A 201 24.60 12.87 -3.32
N SER A 202 23.82 12.26 -2.44
CA SER A 202 22.69 12.95 -1.84
C SER A 202 23.15 14.25 -1.18
N ALA A 203 22.47 15.34 -1.51
CA ALA A 203 22.84 16.66 -1.02
C ALA A 203 22.78 16.73 0.50
N THR A 204 21.91 15.92 1.09
CA THR A 204 21.71 15.89 2.53
C THR A 204 22.21 14.57 3.12
N LYS A 205 22.84 14.64 4.29
CA LYS A 205 23.37 13.45 4.96
C LYS A 205 22.34 12.86 5.93
N GLY A 206 21.88 11.65 5.63
CA GLY A 206 20.93 10.96 6.48
C GLY A 206 21.55 10.46 7.77
N ARG A 207 20.89 10.70 8.89
CA ARG A 207 21.36 10.28 10.21
C ARG A 207 20.32 9.37 10.85
N LEU A 208 20.61 8.88 12.05
CA LEU A 208 19.66 8.09 12.83
C LEU A 208 19.35 8.76 14.16
N VAL A 209 18.12 9.21 14.32
CA VAL A 209 17.68 9.73 15.61
C VAL A 209 17.10 8.58 16.42
N ILE A 210 17.67 8.37 17.61
CA ILE A 210 17.34 7.23 18.44
C ILE A 210 16.65 7.68 19.71
N THR A 211 15.63 6.92 20.12
CA THR A 211 14.90 7.22 21.34
C THR A 211 15.07 6.07 22.34
N GLU A 212 15.51 6.41 23.55
CA GLU A 212 15.62 5.42 24.60
C GLU A 212 14.24 4.92 24.96
N PRO A 213 14.02 3.59 24.92
CA PRO A 213 12.68 3.10 25.27
C PRO A 213 12.39 3.31 26.75
N VAL A 214 11.14 3.62 27.06
CA VAL A 214 10.73 3.99 28.40
C VAL A 214 9.67 3.01 28.88
N GLY A 215 8.55 2.97 28.15
CA GLY A 215 7.44 2.11 28.50
C GLY A 215 6.77 1.56 27.25
N SER A 216 5.85 0.62 27.44
CA SER A 216 5.38 -0.26 26.37
C SER A 216 4.88 0.49 25.14
N VAL A 217 5.34 0.02 23.98
CA VAL A 217 4.92 0.55 22.69
C VAL A 217 4.55 -0.61 21.77
N SER A 218 3.29 -0.64 21.35
CA SER A 218 2.81 -1.66 20.43
C SER A 218 3.44 -1.45 19.06
N PRO A 219 3.39 -2.46 18.18
CA PRO A 219 3.85 -2.23 16.81
C PRO A 219 3.08 -1.10 16.12
N GLN A 220 3.63 -0.59 15.03
CA GLN A 220 3.20 0.67 14.42
C GLN A 220 1.68 0.85 14.32
N LEU A 221 1.05 0.03 13.48
CA LEU A 221 -0.38 0.08 13.22
C LEU A 221 -0.87 1.47 12.82
N SER A 222 -2.09 1.80 13.26
CA SER A 222 -2.54 3.17 13.49
C SER A 222 -3.65 3.08 14.53
N GLY A 223 -3.73 4.02 15.47
CA GLY A 223 -4.95 4.13 16.26
C GLY A 223 -5.96 5.16 15.74
N ASN A 224 -5.45 6.18 15.06
CA ASN A 224 -6.28 7.30 14.63
C ASN A 224 -6.71 7.34 13.16
N GLY A 225 -6.24 6.41 12.32
CA GLY A 225 -6.01 6.83 10.95
C GLY A 225 -5.22 5.98 9.96
N ASN A 226 -4.60 6.73 9.06
CA ASN A 226 -3.93 6.30 7.85
C ASN A 226 -2.66 5.48 8.16
N GLN A 227 -1.90 5.13 7.14
CA GLN A 227 -0.74 4.23 7.19
C GLN A 227 -1.08 2.78 7.57
N GLU A 228 -1.78 2.13 6.65
CA GLU A 228 -1.62 0.71 6.37
C GLU A 228 -1.52 0.60 4.85
N HIS A 229 -0.39 0.14 4.34
CA HIS A 229 -0.11 0.15 2.90
C HIS A 229 0.15 -1.25 2.35
N ILE A 230 -0.47 -1.54 1.20
CA ILE A 230 -0.16 -2.74 0.45
C ILE A 230 0.73 -2.35 -0.73
N THR A 231 1.98 -2.74 -0.67
CA THR A 231 2.91 -2.51 -1.77
C THR A 231 2.85 -3.70 -2.72
N LEU A 232 2.60 -3.48 -4.01
CA LEU A 232 2.63 -4.57 -4.97
C LEU A 232 3.79 -4.41 -5.93
N THR A 233 4.84 -5.21 -5.73
CA THR A 233 6.07 -5.03 -6.48
C THR A 233 6.25 -6.15 -7.50
N ARG A 234 6.85 -5.82 -8.64
CA ARG A 234 7.19 -6.84 -9.61
C ARG A 234 8.68 -6.76 -9.91
N VAL A 235 9.31 -7.94 -10.00
CA VAL A 235 10.74 -8.06 -10.25
C VAL A 235 10.95 -9.11 -11.33
N PRO A 236 11.93 -8.89 -12.24
CA PRO A 236 12.16 -9.89 -13.28
C PRO A 236 12.54 -11.26 -12.73
N LYS A 237 12.24 -12.30 -13.51
CA LYS A 237 12.69 -13.65 -13.18
C LYS A 237 14.21 -13.63 -13.10
N MET A 238 14.75 -14.46 -12.21
CA MET A 238 16.20 -14.56 -11.98
C MET A 238 16.75 -13.35 -11.23
N GLY A 239 15.89 -12.36 -10.97
CA GLY A 239 16.29 -11.18 -10.23
C GLY A 239 16.14 -11.40 -8.73
N SER A 240 16.60 -10.42 -7.95
CA SER A 240 16.49 -10.48 -6.49
C SER A 240 15.42 -9.51 -6.00
N VAL A 241 14.57 -9.97 -5.09
CA VAL A 241 13.45 -9.17 -4.62
C VAL A 241 13.79 -8.51 -3.27
N THR A 242 12.88 -7.67 -2.79
CA THR A 242 12.93 -7.15 -1.44
C THR A 242 11.49 -7.06 -0.91
N LEU A 243 11.25 -7.63 0.27
CA LEU A 243 9.94 -7.55 0.91
C LEU A 243 10.08 -6.85 2.25
N MET A 244 9.28 -5.80 2.44
CA MET A 244 9.45 -4.89 3.56
C MET A 244 8.38 -5.06 4.64
N CYS A 245 8.81 -4.91 5.89
CA CYS A 245 7.92 -4.93 7.04
C CYS A 245 8.37 -3.89 8.05
N PRO A 246 8.22 -2.60 7.72
CA PRO A 246 8.66 -1.57 8.66
C PRO A 246 7.85 -1.62 9.96
N ALA A 247 8.56 -1.67 11.09
CA ALA A 247 7.91 -1.59 12.38
C ALA A 247 8.87 -1.02 13.42
N GLN A 248 8.31 -0.29 14.38
CA GLN A 248 9.07 0.20 15.52
C GLN A 248 8.25 0.00 16.78
N ALA A 249 8.82 -0.73 17.74
CA ALA A 249 8.09 -1.07 18.95
C ALA A 249 9.05 -1.38 20.09
N TYR A 250 8.55 -1.31 21.31
CA TYR A 250 9.29 -1.78 22.47
C TYR A 250 8.36 -2.61 23.35
N PRO A 251 8.85 -3.75 23.89
CA PRO A 251 10.13 -4.40 23.61
C PRO A 251 10.23 -4.81 22.13
N VAL A 252 11.45 -5.04 21.66
CA VAL A 252 11.68 -5.33 20.24
C VAL A 252 10.81 -6.50 19.78
N PRO A 253 10.03 -6.29 18.70
CA PRO A 253 9.14 -7.36 18.26
C PRO A 253 9.86 -8.44 17.47
N PHE A 254 9.13 -9.48 17.04
CA PHE A 254 9.66 -10.43 16.07
C PHE A 254 8.76 -10.49 14.85
N PHE A 255 9.31 -10.96 13.74
CA PHE A 255 8.67 -10.87 12.44
C PHE A 255 8.55 -12.26 11.81
N ARG A 256 7.32 -12.70 11.56
CA ARG A 256 7.09 -13.96 10.88
C ARG A 256 6.51 -13.72 9.48
N TRP A 257 7.26 -14.07 8.46
CA TRP A 257 6.79 -13.93 7.08
C TRP A 257 5.98 -15.16 6.66
N TYR A 258 4.86 -14.91 5.99
CA TYR A 258 4.00 -15.99 5.52
C TYR A 258 3.67 -15.83 4.04
N LYS A 259 2.94 -16.81 3.51
CA LYS A 259 2.60 -16.85 2.08
C LYS A 259 1.14 -17.24 1.85
N PHE A 260 0.36 -16.36 1.24
CA PHE A 260 -0.97 -16.73 0.77
C PHE A 260 -0.81 -17.55 -0.50
N ILE A 261 -1.91 -18.05 -1.05
CA ILE A 261 -1.85 -18.72 -2.35
C ILE A 261 -3.15 -18.43 -3.10
N GLU A 262 -3.31 -19.07 -4.25
CA GLU A 262 -4.44 -18.79 -5.13
C GLU A 262 -5.78 -18.98 -4.42
N GLY A 263 -6.60 -17.93 -4.45
CA GLY A 263 -7.96 -17.98 -3.93
C GLY A 263 -8.10 -18.43 -2.49
N THR A 264 -7.06 -18.25 -1.68
CA THR A 264 -7.09 -18.68 -0.28
C THR A 264 -7.18 -17.52 0.69
N THR A 265 -7.89 -17.76 1.79
CA THR A 265 -7.97 -16.80 2.89
C THR A 265 -6.82 -17.04 3.86
N ARG A 266 -6.08 -18.14 3.64
CA ARG A 266 -5.08 -18.61 4.59
C ARG A 266 -3.67 -18.46 4.05
N LYS A 267 -2.70 -18.91 4.84
CA LYS A 267 -1.28 -18.76 4.49
C LYS A 267 -0.46 -19.94 5.03
N GLN A 268 0.85 -19.89 4.79
CA GLN A 268 1.78 -20.84 5.39
C GLN A 268 3.14 -20.18 5.59
N ALA A 269 3.89 -20.66 6.57
CA ALA A 269 5.19 -20.09 6.92
C ALA A 269 6.15 -20.15 5.73
N VAL A 270 6.74 -18.99 5.41
CA VAL A 270 7.79 -18.93 4.40
C VAL A 270 8.95 -19.82 4.87
N VAL A 271 9.45 -20.65 3.96
CA VAL A 271 10.53 -21.58 4.30
C VAL A 271 11.87 -20.94 3.96
N LEU A 272 12.66 -20.68 5.00
CA LEU A 272 13.95 -20.02 4.83
C LEU A 272 15.02 -21.01 4.42
N ASN A 273 15.94 -20.57 3.59
CA ASN A 273 17.01 -21.41 3.08
C ASN A 273 18.15 -20.57 2.52
N ASP A 274 19.12 -21.22 1.87
CA ASP A 274 20.24 -20.52 1.27
C ASP A 274 19.77 -19.53 0.19
N ARG A 275 18.66 -19.87 -0.47
CA ARG A 275 18.10 -19.00 -1.49
C ARG A 275 17.26 -17.87 -0.90
N VAL A 276 16.47 -18.20 0.12
CA VAL A 276 15.54 -17.25 0.73
C VAL A 276 16.05 -16.78 2.10
N LYS A 277 16.37 -15.49 2.20
CA LYS A 277 16.98 -14.95 3.41
C LYS A 277 16.11 -13.92 4.14
N GLN A 278 16.09 -14.05 5.46
CA GLN A 278 15.47 -13.08 6.34
C GLN A 278 16.54 -12.27 7.07
N VAL A 279 16.56 -10.97 6.85
CA VAL A 279 17.42 -10.06 7.59
C VAL A 279 16.55 -9.27 8.56
N SER A 280 16.70 -9.56 9.85
CA SER A 280 15.85 -8.98 10.88
C SER A 280 14.38 -9.18 10.49
N GLY A 281 13.65 -8.10 10.27
CA GLY A 281 12.26 -8.18 9.86
C GLY A 281 12.07 -8.10 8.35
N THR A 282 13.17 -7.91 7.62
CA THR A 282 13.12 -7.80 6.16
C THR A 282 13.35 -9.15 5.51
N LEU A 283 12.55 -9.44 4.48
CA LEU A 283 12.65 -10.69 3.73
C LEU A 283 13.23 -10.46 2.35
N ILE A 284 14.21 -11.29 1.98
CA ILE A 284 14.89 -11.16 0.70
C ILE A 284 14.83 -12.48 -0.08
N ILE A 285 14.57 -12.36 -1.38
CA ILE A 285 14.51 -13.51 -2.28
C ILE A 285 15.39 -13.23 -3.49
N LYS A 286 16.17 -14.23 -3.89
CA LYS A 286 17.05 -14.11 -5.06
C LYS A 286 16.99 -15.38 -5.90
N ASP A 287 17.35 -15.25 -7.18
CA ASP A 287 17.26 -16.35 -8.13
C ASP A 287 15.83 -16.91 -8.15
N ALA A 288 14.86 -16.01 -8.16
CA ALA A 288 13.45 -16.40 -8.06
C ALA A 288 12.91 -16.91 -9.38
N VAL A 289 11.64 -17.32 -9.37
CA VAL A 289 10.98 -17.85 -10.56
C VAL A 289 9.49 -17.48 -10.53
N VAL A 290 8.72 -18.03 -11.45
CA VAL A 290 7.29 -17.79 -11.51
C VAL A 290 6.60 -18.33 -10.26
N GLU A 291 7.02 -19.51 -9.82
CA GLU A 291 6.45 -20.14 -8.63
C GLU A 291 6.64 -19.26 -7.40
N ASP A 292 7.60 -18.35 -7.46
CA ASP A 292 7.90 -17.46 -6.35
C ASP A 292 7.01 -16.24 -6.33
N SER A 293 6.06 -16.14 -7.27
CA SER A 293 5.10 -15.06 -7.19
C SER A 293 3.90 -15.58 -6.43
N GLY A 294 3.80 -15.12 -5.19
CA GLY A 294 2.65 -15.34 -4.33
C GLY A 294 1.92 -14.05 -4.07
N LYS A 295 1.23 -14.05 -2.94
CA LYS A 295 0.88 -12.83 -2.24
C LYS A 295 1.41 -13.00 -0.82
N TYR A 296 2.41 -12.21 -0.43
CA TYR A 296 3.09 -12.47 0.83
C TYR A 296 2.47 -11.69 1.98
N LEU A 297 2.94 -11.97 3.18
CA LEU A 297 2.56 -11.21 4.36
C LEU A 297 3.65 -11.33 5.42
N CYS A 298 3.82 -10.30 6.24
CA CYS A 298 4.67 -10.39 7.43
C CYS A 298 3.87 -9.96 8.65
N VAL A 299 4.02 -10.72 9.74
CA VAL A 299 3.32 -10.43 10.98
C VAL A 299 4.30 -10.03 12.07
N VAL A 300 4.20 -8.78 12.52
CA VAL A 300 5.02 -8.28 13.62
C VAL A 300 4.32 -8.56 14.94
N ASN A 301 5.08 -8.99 15.94
CA ASN A 301 4.52 -9.28 17.25
C ASN A 301 5.49 -8.96 18.38
N ASN A 302 4.94 -8.51 19.50
CA ASN A 302 5.70 -8.34 20.74
C ASN A 302 4.81 -8.67 21.93
N SER A 303 5.31 -8.42 23.13
CA SER A 303 4.57 -8.73 24.35
C SER A 303 3.32 -7.87 24.50
N VAL A 304 3.22 -6.81 23.70
CA VAL A 304 2.09 -5.89 23.75
C VAL A 304 1.01 -6.26 22.74
N GLY A 305 1.35 -6.19 21.46
CA GLY A 305 0.39 -6.35 20.39
C GLY A 305 1.07 -6.77 19.10
N GLY A 306 0.33 -6.78 18.00
CA GLY A 306 0.90 -7.18 16.73
C GLY A 306 0.28 -6.49 15.53
N GLU A 307 0.97 -6.55 14.41
CA GLU A 307 0.55 -5.88 13.17
C GLU A 307 1.00 -6.68 11.96
N SER A 308 0.27 -6.53 10.86
CA SER A 308 0.57 -7.25 9.62
C SER A 308 0.77 -6.30 8.45
N VAL A 309 1.93 -6.39 7.80
CA VAL A 309 2.21 -5.63 6.58
C VAL A 309 2.07 -6.55 5.38
N GLU A 310 1.11 -6.24 4.51
CA GLU A 310 0.77 -7.10 3.39
C GLU A 310 1.47 -6.65 2.12
N THR A 311 2.02 -7.60 1.37
CA THR A 311 2.75 -7.30 0.13
C THR A 311 2.44 -8.31 -0.97
N VAL A 312 2.06 -7.80 -2.14
CA VAL A 312 1.85 -8.63 -3.32
C VAL A 312 3.12 -8.65 -4.17
N LEU A 313 3.49 -9.83 -4.66
CA LEU A 313 4.67 -10.00 -5.48
C LEU A 313 4.34 -10.62 -6.83
N THR A 314 4.96 -10.09 -7.88
CA THR A 314 4.81 -10.63 -9.23
C THR A 314 6.17 -10.80 -9.90
N VAL A 315 6.54 -12.03 -10.19
CA VAL A 315 7.76 -12.29 -10.96
C VAL A 315 7.39 -12.37 -12.43
N THR A 316 8.13 -11.63 -13.25
CA THR A 316 7.88 -11.59 -14.68
C THR A 316 8.94 -12.38 -15.43
N ALA A 317 8.49 -13.16 -16.42
CA ALA A 317 9.39 -13.91 -17.29
C ALA A 317 9.20 -13.44 -18.73
N PRO A 318 10.29 -13.42 -19.51
CA PRO A 318 10.21 -12.88 -20.88
C PRO A 318 9.24 -13.67 -21.75
N LEU A 319 8.34 -12.97 -22.43
CA LEU A 319 7.34 -13.62 -23.26
C LEU A 319 7.95 -14.12 -24.56
N SER A 320 7.69 -15.39 -24.86
CA SER A 320 8.03 -15.98 -26.15
C SER A 320 6.90 -16.86 -26.61
N ALA A 321 6.42 -16.63 -27.83
CA ALA A 321 5.34 -17.44 -28.37
C ALA A 321 5.87 -18.46 -29.38
N LYS A 322 4.98 -19.31 -29.87
CA LYS A 322 5.32 -20.26 -30.90
C LYS A 322 4.04 -20.72 -31.58
N ILE A 323 4.16 -21.26 -32.78
CA ILE A 323 3.04 -21.93 -33.43
C ILE A 323 3.51 -23.26 -33.99
N ASP A 324 2.64 -24.26 -33.91
CA ASP A 324 2.89 -25.53 -34.59
C ASP A 324 1.62 -25.97 -35.32
N PRO A 325 1.77 -26.50 -36.55
CA PRO A 325 3.01 -26.52 -37.35
C PRO A 325 3.31 -25.14 -37.95
N PRO A 326 4.60 -24.75 -38.08
CA PRO A 326 4.93 -23.47 -38.72
C PRO A 326 4.36 -23.34 -40.13
N THR A 327 4.17 -24.47 -40.80
CA THR A 327 3.58 -24.49 -42.13
C THR A 327 2.75 -25.76 -42.32
N GLN A 328 1.62 -25.61 -43.02
CA GLN A 328 0.80 -26.75 -43.37
C GLN A 328 0.11 -26.52 -44.71
N THR A 329 -0.01 -27.59 -45.49
CA THR A 329 -0.70 -27.54 -46.77
C THR A 329 -2.00 -28.33 -46.66
N VAL A 330 -3.10 -27.68 -47.01
CA VAL A 330 -4.43 -28.27 -46.86
C VAL A 330 -5.16 -28.30 -48.20
N ASP A 331 -5.76 -29.45 -48.50
CA ASP A 331 -6.60 -29.59 -49.68
C ASP A 331 -7.93 -28.92 -49.37
N PHE A 332 -8.41 -28.08 -50.29
CA PHE A 332 -9.62 -27.29 -50.04
C PHE A 332 -10.80 -28.16 -49.60
N GLY A 333 -11.53 -27.65 -48.62
CA GLY A 333 -12.67 -28.35 -48.05
C GLY A 333 -12.45 -28.97 -46.67
N ARG A 334 -11.20 -29.16 -46.27
CA ARG A 334 -10.91 -29.78 -44.98
C ARG A 334 -10.55 -28.70 -43.94
N PRO A 335 -10.40 -29.08 -42.66
CA PRO A 335 -9.98 -28.08 -41.67
C PRO A 335 -8.48 -27.75 -41.67
N ALA A 336 -8.15 -26.46 -41.53
CA ALA A 336 -6.85 -26.04 -41.01
C ALA A 336 -6.87 -26.06 -39.47
N VAL A 337 -5.71 -26.21 -38.85
CA VAL A 337 -5.59 -26.07 -37.39
C VAL A 337 -4.28 -25.37 -37.02
N PHE A 338 -4.35 -24.47 -36.04
CA PHE A 338 -3.17 -23.78 -35.53
C PHE A 338 -3.13 -23.83 -34.01
N THR A 339 -2.12 -24.48 -33.47
CA THR A 339 -1.88 -24.50 -32.03
C THR A 339 -0.75 -23.53 -31.70
N CYS A 340 -0.93 -22.75 -30.64
CA CYS A 340 0.04 -21.73 -30.26
C CYS A 340 0.62 -21.99 -28.87
N GLN A 341 1.92 -22.26 -28.82
CA GLN A 341 2.63 -22.43 -27.56
C GLN A 341 3.30 -21.12 -27.16
N TYR A 342 3.16 -20.74 -25.89
CA TYR A 342 3.80 -19.54 -25.37
C TYR A 342 4.45 -19.78 -24.02
N THR A 343 5.30 -18.83 -23.61
CA THR A 343 5.95 -18.87 -22.31
C THR A 343 6.08 -17.44 -21.78
N GLY A 344 6.80 -17.29 -20.68
CA GLY A 344 6.99 -15.98 -20.07
C GLY A 344 5.83 -15.65 -19.15
N ASN A 345 6.06 -14.74 -18.20
CA ASN A 345 5.06 -14.41 -17.19
C ASN A 345 5.01 -12.90 -16.95
N PRO A 346 3.81 -12.35 -16.69
CA PRO A 346 2.49 -12.99 -16.79
C PRO A 346 1.97 -12.95 -18.23
N ILE A 347 0.79 -13.53 -18.46
CA ILE A 347 0.12 -13.42 -19.75
C ILE A 347 -1.17 -12.64 -19.56
N LYS A 348 -1.20 -11.44 -20.12
CA LYS A 348 -2.37 -10.57 -19.98
C LYS A 348 -3.47 -11.00 -20.94
N THR A 349 -3.20 -10.89 -22.24
CA THR A 349 -4.17 -11.29 -23.26
C THR A 349 -3.50 -12.03 -24.41
N VAL A 350 -4.32 -12.46 -25.38
CA VAL A 350 -3.84 -13.15 -26.57
C VAL A 350 -4.70 -12.73 -27.75
N SER A 351 -4.06 -12.60 -28.91
CA SER A 351 -4.77 -12.21 -30.13
C SER A 351 -4.21 -12.92 -31.35
N TRP A 352 -5.00 -12.96 -32.42
CA TRP A 352 -4.60 -13.58 -33.68
C TRP A 352 -4.63 -12.54 -34.80
N MET A 353 -3.86 -12.80 -35.86
CA MET A 353 -3.81 -11.91 -37.01
C MET A 353 -3.78 -12.68 -38.31
N LYS A 354 -4.22 -12.00 -39.38
CA LYS A 354 -4.16 -12.53 -40.73
C LYS A 354 -3.57 -11.48 -41.65
N ASP A 355 -2.39 -11.76 -42.21
CA ASP A 355 -1.72 -10.83 -43.12
C ASP A 355 -1.71 -9.39 -42.59
N GLY A 356 -1.49 -9.25 -41.29
CA GLY A 356 -1.34 -7.94 -40.68
C GLY A 356 -2.63 -7.25 -40.25
N LYS A 357 -3.66 -8.01 -39.95
CA LYS A 357 -4.88 -7.45 -39.35
C LYS A 357 -5.51 -8.44 -38.37
N ALA A 358 -6.03 -7.91 -37.26
CA ALA A 358 -6.52 -8.75 -36.17
C ALA A 358 -7.85 -9.42 -36.50
N ILE A 359 -7.86 -10.75 -36.40
CA ILE A 359 -9.07 -11.53 -36.66
C ILE A 359 -10.01 -11.58 -35.44
N GLY A 360 -9.47 -11.32 -34.26
CA GLY A 360 -10.28 -11.15 -33.06
C GLY A 360 -10.51 -12.38 -32.19
N HIS A 361 -9.68 -13.41 -32.33
CA HIS A 361 -9.80 -14.62 -31.51
C HIS A 361 -8.84 -14.59 -30.31
N SER A 362 -9.38 -14.88 -29.13
CA SER A 362 -8.63 -14.76 -27.88
C SER A 362 -7.98 -16.06 -27.37
N GLU A 363 -8.09 -17.15 -28.12
CA GLU A 363 -7.71 -18.47 -27.60
C GLU A 363 -6.48 -19.07 -28.30
N PRO A 364 -5.75 -19.95 -27.58
CA PRO A 364 -4.50 -20.52 -28.11
C PRO A 364 -4.67 -21.33 -29.39
N VAL A 365 -5.74 -22.10 -29.49
CA VAL A 365 -5.98 -22.94 -30.67
C VAL A 365 -6.88 -22.23 -31.66
N LEU A 366 -6.43 -22.13 -32.90
CA LEU A 366 -7.22 -21.55 -33.98
C LEU A 366 -7.52 -22.60 -35.04
N ARG A 367 -8.82 -22.84 -35.26
CA ARG A 367 -9.27 -23.80 -36.25
C ARG A 367 -10.11 -23.10 -37.32
N ILE A 368 -10.08 -23.65 -38.54
CA ILE A 368 -10.93 -23.17 -39.62
C ILE A 368 -11.70 -24.35 -40.19
N GLU A 369 -13.02 -24.33 -40.02
CA GLU A 369 -13.88 -25.39 -40.52
C GLU A 369 -13.74 -25.55 -42.03
N SER A 370 -14.20 -24.54 -42.78
CA SER A 370 -14.14 -24.56 -44.24
C SER A 370 -13.00 -23.68 -44.75
N VAL A 371 -11.98 -24.30 -45.31
CA VAL A 371 -10.89 -23.57 -45.93
C VAL A 371 -11.32 -23.10 -47.32
N LYS A 372 -11.04 -21.85 -47.64
CA LYS A 372 -11.38 -21.28 -48.94
C LYS A 372 -10.14 -20.67 -49.57
N LYS A 373 -10.30 -20.06 -50.74
CA LYS A 373 -9.18 -19.47 -51.47
C LYS A 373 -8.52 -18.36 -50.65
N GLU A 374 -9.33 -17.40 -50.21
CA GLU A 374 -8.83 -16.23 -49.51
C GLU A 374 -8.22 -16.58 -48.15
N ASP A 375 -8.51 -17.78 -47.64
CA ASP A 375 -8.01 -18.18 -46.33
C ASP A 375 -6.51 -18.45 -46.34
N LYS A 376 -5.94 -18.69 -47.52
CA LYS A 376 -4.51 -18.93 -47.63
C LYS A 376 -3.75 -17.63 -47.35
N GLY A 377 -2.65 -17.73 -46.61
CA GLY A 377 -1.86 -16.57 -46.23
C GLY A 377 -1.07 -16.81 -44.97
N MET A 378 -0.71 -15.72 -44.29
CA MET A 378 0.08 -15.80 -43.08
C MET A 378 -0.77 -15.54 -41.84
N TYR A 379 -0.66 -16.44 -40.86
CA TYR A 379 -1.35 -16.32 -39.59
C TYR A 379 -0.35 -16.12 -38.46
N GLN A 380 -0.69 -15.26 -37.51
CA GLN A 380 0.21 -14.93 -36.41
C GLN A 380 -0.46 -15.01 -35.04
N CYS A 381 0.25 -15.63 -34.11
CA CYS A 381 -0.16 -15.68 -32.71
C CYS A 381 0.48 -14.52 -31.95
N PHE A 382 -0.34 -13.67 -31.33
CA PHE A 382 0.13 -12.51 -30.59
C PHE A 382 -0.22 -12.62 -29.11
N VAL A 383 0.82 -12.73 -28.28
CA VAL A 383 0.66 -12.74 -26.83
C VAL A 383 1.33 -11.50 -26.25
N ARG A 384 0.77 -10.96 -25.17
CA ARG A 384 1.29 -9.75 -24.55
C ARG A 384 1.01 -9.69 -23.06
N ASN A 385 1.73 -8.80 -22.40
CA ASN A 385 1.48 -8.41 -21.02
C ASN A 385 1.66 -6.91 -20.93
N ASP A 386 1.63 -6.37 -19.71
CA ASP A 386 1.76 -4.94 -19.51
C ASP A 386 3.02 -4.39 -20.17
N GLN A 387 4.18 -4.94 -19.81
CA GLN A 387 5.46 -4.40 -20.25
C GLN A 387 6.09 -5.07 -21.48
N GLU A 388 5.46 -6.13 -22.01
CA GLU A 388 6.12 -6.95 -23.02
C GLU A 388 5.16 -7.62 -24.00
N SER A 389 5.72 -8.05 -25.14
CA SER A 389 4.96 -8.70 -26.19
C SER A 389 5.78 -9.80 -26.87
N ALA A 390 5.09 -10.76 -27.47
CA ALA A 390 5.76 -11.83 -28.21
C ALA A 390 4.86 -12.33 -29.34
N GLU A 391 5.48 -12.78 -30.43
CA GLU A 391 4.73 -13.22 -31.61
C GLU A 391 5.23 -14.56 -32.15
N ALA A 392 4.36 -15.22 -32.91
CA ALA A 392 4.71 -16.46 -33.59
C ALA A 392 4.03 -16.47 -34.97
N SER A 393 4.78 -16.89 -35.99
CA SER A 393 4.31 -16.82 -37.37
C SER A 393 3.97 -18.19 -37.93
N ALA A 394 2.97 -18.22 -38.82
CA ALA A 394 2.52 -19.46 -39.44
C ALA A 394 2.07 -19.22 -40.88
N GLU A 395 2.36 -20.19 -41.75
CA GLU A 395 1.97 -20.10 -43.15
C GLU A 395 0.94 -21.17 -43.49
N LEU A 396 0.07 -20.86 -44.46
CA LEU A 396 -0.94 -21.79 -44.93
C LEU A 396 -0.93 -21.88 -46.45
N LYS A 397 -0.74 -23.10 -46.96
CA LYS A 397 -0.70 -23.35 -48.39
C LYS A 397 -1.95 -24.11 -48.84
N LEU A 398 -2.39 -23.85 -50.06
CA LEU A 398 -3.60 -24.45 -50.61
C LEU A 398 -3.31 -25.56 -51.60
N GLY A 399 -3.81 -26.76 -51.30
CA GLY A 399 -3.64 -27.91 -52.17
C GLY A 399 -4.80 -28.06 -53.13
N ALA B 3 -42.32 -5.51 42.42
CA ALA B 3 -41.54 -6.05 41.27
C ALA B 3 -40.22 -5.30 41.13
N ASP B 4 -39.63 -4.93 42.27
CA ASP B 4 -38.37 -4.21 42.29
C ASP B 4 -37.18 -5.15 42.16
N GLN B 5 -37.42 -6.46 42.26
CA GLN B 5 -36.36 -7.44 42.14
C GLN B 5 -36.00 -7.65 40.67
N LYS B 6 -34.72 -7.45 40.35
CA LYS B 6 -34.23 -7.64 38.99
C LYS B 6 -32.73 -7.88 38.98
N GLY B 7 -32.24 -8.42 37.87
CA GLY B 7 -30.81 -8.63 37.69
C GLY B 7 -30.07 -7.33 37.50
N PRO B 8 -28.74 -7.39 37.47
CA PRO B 8 -27.91 -6.18 37.37
C PRO B 8 -27.93 -5.54 35.99
N VAL B 9 -27.71 -4.24 35.94
CA VAL B 9 -27.59 -3.51 34.67
C VAL B 9 -26.58 -2.37 34.83
N PHE B 10 -25.80 -2.12 33.80
CA PHE B 10 -24.75 -1.10 33.88
C PHE B 10 -25.31 0.30 33.69
N LEU B 11 -25.14 1.15 34.69
CA LEU B 11 -25.49 2.56 34.57
C LEU B 11 -24.44 3.30 33.76
N LYS B 12 -23.18 3.13 34.14
CA LYS B 12 -22.06 3.76 33.44
C LYS B 12 -20.92 2.78 33.20
N GLU B 13 -20.65 2.49 31.92
CA GLU B 13 -19.47 1.73 31.53
C GLU B 13 -18.32 2.68 31.21
N PRO B 14 -17.09 2.33 31.64
CA PRO B 14 -15.95 3.16 31.23
C PRO B 14 -15.74 3.14 29.73
N THR B 15 -15.04 4.15 29.20
CA THR B 15 -14.83 4.25 27.76
C THR B 15 -13.94 3.12 27.28
N ASN B 16 -14.03 2.81 25.98
CA ASN B 16 -13.23 1.75 25.39
C ASN B 16 -11.73 2.03 25.49
N ARG B 17 -11.39 3.32 25.50
CA ARG B 17 -10.01 3.76 25.57
C ARG B 17 -9.77 4.68 26.76
N ILE B 18 -8.86 4.26 27.64
CA ILE B 18 -8.35 5.14 28.69
C ILE B 18 -6.85 5.30 28.50
N ASP B 19 -6.44 6.51 28.12
CA ASP B 19 -5.06 6.84 27.88
C ASP B 19 -4.66 8.01 28.76
N PHE B 20 -3.55 7.85 29.48
CA PHE B 20 -3.08 8.85 30.43
C PHE B 20 -1.58 8.77 30.57
N SER B 21 -1.00 9.62 31.40
CA SER B 21 0.43 9.66 31.59
C SER B 21 0.80 9.17 32.99
N ASN B 22 2.08 9.10 33.29
CA ASN B 22 2.54 8.58 34.57
C ASN B 22 2.41 9.62 35.67
N SER B 23 2.53 10.89 35.30
CA SER B 23 2.37 11.99 36.25
C SER B 23 0.90 12.27 36.52
N THR B 24 0.06 11.97 35.54
CA THR B 24 -1.37 12.25 35.62
C THR B 24 -2.10 11.30 36.57
N GLY B 25 -1.85 10.00 36.41
CA GLY B 25 -2.63 9.00 37.12
C GLY B 25 -3.99 8.86 36.48
N ALA B 26 -4.78 7.89 36.93
CA ALA B 26 -6.11 7.71 36.38
C ALA B 26 -7.05 6.99 37.35
N GLU B 27 -8.34 7.16 37.11
CA GLU B 27 -9.38 6.50 37.90
C GLU B 27 -10.48 6.02 36.97
N ILE B 28 -10.97 4.81 37.21
CA ILE B 28 -12.03 4.22 36.38
C ILE B 28 -13.28 3.99 37.22
N GLU B 29 -14.40 4.50 36.73
CA GLU B 29 -15.67 4.41 37.45
C GLU B 29 -16.58 3.36 36.83
N CYS B 30 -17.19 2.54 37.67
CA CYS B 30 -18.17 1.55 37.23
C CYS B 30 -19.37 1.58 38.16
N LYS B 31 -20.55 1.74 37.58
CA LYS B 31 -21.79 1.87 38.35
C LYS B 31 -22.90 1.00 37.77
N ALA B 32 -23.62 0.31 38.66
CA ALA B 32 -24.69 -0.59 38.24
C ALA B 32 -25.87 -0.55 39.22
N SER B 33 -27.03 -1.03 38.76
CA SER B 33 -28.25 -1.01 39.54
C SER B 33 -28.90 -2.40 39.57
N GLY B 34 -30.11 -2.47 40.12
CA GLY B 34 -30.81 -3.73 40.28
C GLY B 34 -30.87 -4.13 41.75
N ASN B 35 -31.87 -4.95 42.09
CA ASN B 35 -32.15 -5.31 43.48
C ASN B 35 -31.89 -6.79 43.78
N PRO B 36 -31.01 -7.09 44.75
CA PRO B 36 -30.22 -6.15 45.56
C PRO B 36 -29.13 -5.47 44.75
N MET B 37 -28.62 -4.35 45.26
CA MET B 37 -27.55 -3.62 44.59
C MET B 37 -26.38 -4.57 44.35
N PRO B 38 -25.96 -4.71 43.08
CA PRO B 38 -24.86 -5.66 42.80
C PRO B 38 -23.52 -5.16 43.31
N GLU B 39 -22.61 -6.10 43.59
CA GLU B 39 -21.26 -5.75 43.99
C GLU B 39 -20.38 -5.58 42.76
N ILE B 40 -19.61 -4.49 42.73
CA ILE B 40 -18.75 -4.19 41.59
C ILE B 40 -17.38 -4.84 41.78
N ILE B 41 -16.90 -5.50 40.72
CA ILE B 41 -15.63 -6.21 40.77
C ILE B 41 -14.89 -6.08 39.45
N TRP B 42 -13.58 -5.87 39.54
CA TRP B 42 -12.73 -5.73 38.36
C TRP B 42 -12.01 -7.03 38.04
N ILE B 43 -11.91 -7.33 36.74
CA ILE B 43 -11.33 -8.59 36.29
C ILE B 43 -10.46 -8.40 35.04
N ARG B 44 -10.00 -9.51 34.48
CA ARG B 44 -9.22 -9.50 33.24
C ARG B 44 -9.95 -10.34 32.18
N SER B 45 -9.32 -10.48 31.02
CA SER B 45 -9.90 -11.21 29.91
C SER B 45 -10.23 -12.66 30.27
N ASP B 46 -9.37 -13.28 31.07
CA ASP B 46 -9.56 -14.68 31.44
C ASP B 46 -10.68 -14.84 32.46
N GLY B 47 -11.07 -13.74 33.11
CA GLY B 47 -12.18 -13.75 34.04
C GLY B 47 -11.78 -13.89 35.49
N THR B 48 -10.51 -13.66 35.81
CA THR B 48 -10.05 -13.66 37.19
C THR B 48 -9.99 -12.23 37.72
N ALA B 49 -10.33 -12.06 39.00
CA ALA B 49 -10.32 -10.74 39.61
C ALA B 49 -8.91 -10.15 39.69
N VAL B 50 -8.79 -8.89 39.29
CA VAL B 50 -7.51 -8.18 39.43
C VAL B 50 -7.26 -7.90 40.90
N GLY B 51 -6.01 -8.05 41.33
CA GLY B 51 -5.62 -7.78 42.70
C GLY B 51 -4.98 -6.41 42.82
N ASP B 52 -4.83 -5.95 44.06
CA ASP B 52 -4.15 -4.70 44.32
C ASP B 52 -2.67 -4.82 43.99
N VAL B 53 -2.06 -3.70 43.60
CA VAL B 53 -0.61 -3.63 43.48
C VAL B 53 -0.17 -2.35 44.19
N PRO B 54 0.97 -2.39 44.91
CA PRO B 54 1.34 -1.20 45.68
C PRO B 54 1.63 0.02 44.81
N GLY B 55 0.99 1.14 45.12
CA GLY B 55 1.29 2.41 44.47
C GLY B 55 0.99 2.43 42.98
N LEU B 56 0.43 1.34 42.46
CA LEU B 56 0.24 1.16 41.02
C LEU B 56 -1.23 0.94 40.70
N ARG B 57 -1.78 -0.16 41.22
CA ARG B 57 -3.19 -0.49 40.98
C ARG B 57 -3.91 -0.69 42.31
N GLN B 58 -4.87 0.20 42.58
CA GLN B 58 -5.65 0.15 43.82
C GLN B 58 -7.13 -0.04 43.53
N ILE B 59 -7.82 -0.77 44.42
CA ILE B 59 -9.27 -0.90 44.36
C ILE B 59 -9.89 -0.22 45.58
N SER B 60 -10.56 0.89 45.34
CA SER B 60 -11.13 1.72 46.40
C SER B 60 -12.36 1.07 47.03
N SER B 61 -12.71 1.53 48.23
CA SER B 61 -13.88 1.04 48.97
C SER B 61 -15.11 0.95 48.07
N ASP B 62 -15.62 2.09 47.65
CA ASP B 62 -16.56 2.10 46.53
C ASP B 62 -15.79 1.55 45.34
N GLY B 63 -16.30 0.51 44.69
CA GLY B 63 -15.48 -0.20 43.74
C GLY B 63 -15.12 0.66 42.54
N LYS B 64 -13.82 0.86 42.36
CA LYS B 64 -13.27 1.62 41.26
C LYS B 64 -11.83 1.17 41.05
N LEU B 65 -11.29 1.39 39.86
CA LEU B 65 -9.89 1.09 39.59
C LEU B 65 -9.08 2.38 39.59
N VAL B 66 -8.14 2.47 40.53
CA VAL B 66 -7.29 3.64 40.65
C VAL B 66 -5.86 3.31 40.28
N PHE B 67 -5.32 4.07 39.33
CA PHE B 67 -3.91 4.02 39.03
C PHE B 67 -3.27 5.32 39.48
N PRO B 68 -2.50 5.28 40.58
CA PRO B 68 -1.90 6.54 41.05
C PRO B 68 -0.75 7.00 40.15
N PRO B 69 -0.39 8.28 40.21
CA PRO B 69 0.79 8.72 39.46
C PRO B 69 2.04 8.00 39.95
N PHE B 70 2.84 7.47 39.03
CA PHE B 70 3.98 6.63 39.40
C PHE B 70 5.27 7.09 38.72
N ARG B 71 6.36 6.41 39.06
CA ARG B 71 7.66 6.69 38.47
C ARG B 71 7.86 5.89 37.19
N ALA B 72 8.55 6.51 36.22
CA ALA B 72 8.84 5.86 34.95
C ALA B 72 9.53 4.51 35.17
N GLU B 73 10.24 4.38 36.27
CA GLU B 73 10.91 3.12 36.62
C GLU B 73 9.92 2.09 37.15
N ASP B 74 8.89 2.57 37.84
CA ASP B 74 7.89 1.70 38.44
C ASP B 74 6.97 1.05 37.40
N TYR B 75 7.10 1.48 36.16
CA TYR B 75 6.23 1.01 35.08
C TYR B 75 6.23 -0.51 34.93
N ARG B 76 5.03 -1.09 34.94
CA ARG B 76 4.84 -2.53 34.75
C ARG B 76 3.76 -2.78 33.71
N GLN B 77 4.14 -3.45 32.61
CA GLN B 77 3.26 -3.67 31.48
C GLN B 77 1.96 -4.38 31.86
N GLU B 78 2.06 -5.50 32.55
CA GLU B 78 0.90 -6.33 32.86
C GLU B 78 -0.15 -5.56 33.66
N VAL B 79 0.26 -4.42 34.20
CA VAL B 79 -0.66 -3.48 34.84
C VAL B 79 -1.05 -2.39 33.86
N HIS B 80 -0.05 -1.60 33.45
CA HIS B 80 -0.29 -0.36 32.73
C HIS B 80 -0.69 -0.53 31.27
N ALA B 81 -0.26 -1.61 30.62
CA ALA B 81 -0.86 -2.01 29.35
C ALA B 81 -1.61 -3.31 29.60
N GLN B 82 -2.93 -3.21 29.64
CA GLN B 82 -3.77 -4.35 29.99
C GLN B 82 -5.20 -4.11 29.54
N VAL B 83 -5.97 -5.19 29.45
CA VAL B 83 -7.41 -5.08 29.23
C VAL B 83 -8.13 -5.43 30.52
N TYR B 84 -9.05 -4.57 30.93
CA TYR B 84 -9.83 -4.78 32.13
C TYR B 84 -11.31 -4.81 31.78
N ALA B 85 -12.10 -5.43 32.65
CA ALA B 85 -13.55 -5.46 32.50
C ALA B 85 -14.21 -5.37 33.87
N CYS B 86 -15.30 -4.62 33.95
CA CYS B 86 -16.06 -4.49 35.18
C CYS B 86 -17.18 -5.52 35.23
N LEU B 87 -17.29 -6.20 36.36
CA LEU B 87 -18.34 -7.21 36.56
C LEU B 87 -19.24 -6.82 37.72
N ALA B 88 -20.54 -6.72 37.42
CA ALA B 88 -21.56 -6.48 38.44
C ALA B 88 -22.37 -7.74 38.66
N ARG B 89 -22.62 -8.09 39.91
CA ARG B 89 -23.36 -9.32 40.21
C ARG B 89 -24.19 -9.22 41.49
N ASN B 90 -25.36 -9.84 41.45
CA ASN B 90 -26.16 -10.07 42.64
C ASN B 90 -26.69 -11.50 42.57
N GLN B 91 -27.53 -11.87 43.52
CA GLN B 91 -27.99 -13.25 43.64
C GLN B 91 -28.61 -13.82 42.35
N PHE B 92 -29.23 -12.95 41.56
CA PHE B 92 -29.93 -13.38 40.35
C PHE B 92 -28.99 -13.65 39.18
N GLY B 93 -27.83 -13.00 39.16
CA GLY B 93 -26.86 -13.25 38.12
C GLY B 93 -25.77 -12.20 38.00
N SER B 94 -24.83 -12.44 37.09
CA SER B 94 -23.68 -11.55 36.91
C SER B 94 -23.52 -11.14 35.44
N ILE B 95 -23.01 -9.93 35.22
CA ILE B 95 -22.78 -9.43 33.86
C ILE B 95 -21.44 -8.70 33.79
N ILE B 96 -20.77 -8.82 32.63
CA ILE B 96 -19.47 -8.20 32.43
C ILE B 96 -19.59 -6.97 31.54
N SER B 97 -18.78 -5.96 31.83
CA SER B 97 -18.77 -4.73 31.04
C SER B 97 -18.10 -4.98 29.68
N ARG B 98 -18.00 -3.92 28.88
CA ARG B 98 -17.28 -4.00 27.62
C ARG B 98 -15.78 -4.00 27.90
N ASP B 99 -14.98 -4.09 26.85
CA ASP B 99 -13.53 -4.01 27.00
C ASP B 99 -13.12 -2.64 27.47
N VAL B 100 -12.15 -2.60 28.38
CA VAL B 100 -11.51 -1.36 28.77
C VAL B 100 -10.01 -1.52 28.55
N HIS B 101 -9.48 -0.78 27.59
CA HIS B 101 -8.06 -0.83 27.31
C HIS B 101 -7.37 0.28 28.06
N VAL B 102 -6.58 -0.10 29.06
CA VAL B 102 -5.84 0.85 29.88
C VAL B 102 -4.44 0.94 29.35
N ARG B 103 -4.05 2.15 28.96
CA ARG B 103 -2.71 2.41 28.47
C ARG B 103 -2.14 3.61 29.19
N ALA B 104 -1.08 3.39 29.96
CA ALA B 104 -0.40 4.48 30.61
C ALA B 104 0.87 4.79 29.85
N VAL B 105 0.82 5.92 29.14
CA VAL B 105 1.98 6.45 28.46
C VAL B 105 2.85 7.11 29.52
N VAL B 106 4.14 7.26 29.22
CA VAL B 106 5.05 7.98 30.10
C VAL B 106 5.47 9.23 29.34
N SER B 107 6.28 10.08 29.97
CA SER B 107 6.76 11.26 29.26
C SER B 107 8.03 10.87 28.56
N GLN B 108 7.94 10.85 27.23
CA GLN B 108 9.02 10.36 26.39
C GLN B 108 9.71 11.53 25.71
N PHE B 109 10.73 11.22 24.91
CA PHE B 109 11.39 12.21 24.07
C PHE B 109 11.14 11.87 22.61
N TYR B 110 10.63 12.84 21.87
CA TYR B 110 10.38 12.67 20.44
C TYR B 110 10.62 13.99 19.74
N ILE B 111 10.90 13.91 18.44
CA ILE B 111 11.01 15.09 17.60
C ILE B 111 10.44 14.80 16.21
N THR B 112 9.95 15.84 15.57
CA THR B 112 9.39 15.75 14.22
C THR B 112 10.24 16.60 13.30
N GLU B 113 10.22 16.29 12.00
CA GLU B 113 10.95 17.10 11.03
C GLU B 113 10.17 17.24 9.73
N ALA B 114 10.11 18.45 9.21
CA ALA B 114 9.49 18.70 7.92
C ALA B 114 10.49 18.40 6.81
N GLU B 115 10.06 17.59 5.85
CA GLU B 115 10.94 17.16 4.77
C GLU B 115 10.69 17.94 3.49
N ASN B 116 11.75 18.20 2.74
CA ASN B 116 11.64 18.95 1.50
C ASN B 116 11.05 18.08 0.40
N GLU B 117 10.37 18.71 -0.56
CA GLU B 117 9.71 17.98 -1.63
C GLU B 117 10.05 18.57 -2.99
N TYR B 118 10.17 17.70 -3.99
CA TYR B 118 10.46 18.14 -5.36
C TYR B 118 9.17 18.41 -6.10
N VAL B 119 9.15 19.53 -6.84
CA VAL B 119 7.98 19.91 -7.62
C VAL B 119 8.39 20.33 -9.02
N ILE B 120 7.40 20.73 -9.82
CA ILE B 120 7.64 21.31 -11.12
C ILE B 120 6.65 22.45 -11.30
N LYS B 121 7.03 23.47 -12.06
CA LYS B 121 6.16 24.63 -12.27
C LYS B 121 4.82 24.18 -12.84
N GLY B 122 3.74 24.57 -12.17
CA GLY B 122 2.39 24.19 -12.56
C GLY B 122 1.87 22.99 -11.80
N ASN B 123 2.78 22.18 -11.24
CA ASN B 123 2.40 21.03 -10.43
C ASN B 123 2.32 21.37 -8.95
N ALA B 124 1.20 21.04 -8.31
CA ALA B 124 1.08 21.23 -6.87
C ALA B 124 1.90 20.17 -6.16
N ALA B 125 1.95 20.25 -4.83
CA ALA B 125 2.69 19.27 -4.05
C ALA B 125 2.33 19.40 -2.57
N VAL B 126 2.92 18.53 -1.75
CA VAL B 126 2.62 18.48 -0.33
C VAL B 126 3.88 18.28 0.50
N VAL B 127 4.08 19.16 1.48
CA VAL B 127 5.13 18.96 2.47
C VAL B 127 4.49 18.29 3.68
N LYS B 128 5.15 17.24 4.17
CA LYS B 128 4.61 16.46 5.27
C LYS B 128 5.34 16.79 6.57
N CYS B 129 4.92 16.13 7.64
CA CYS B 129 5.58 16.24 8.93
C CYS B 129 5.89 14.82 9.41
N LYS B 130 7.17 14.51 9.60
CA LYS B 130 7.54 13.18 10.04
C LYS B 130 7.29 13.05 11.53
N ILE B 131 6.39 12.14 11.88
CA ILE B 131 6.07 11.84 13.27
C ILE B 131 6.54 10.42 13.58
N PRO B 132 7.40 10.25 14.60
CA PRO B 132 7.85 8.89 14.91
C PRO B 132 6.67 7.94 15.10
N SER B 133 6.70 6.79 14.41
CA SER B 133 5.57 5.88 14.37
C SER B 133 5.12 5.46 15.77
N PHE B 134 6.07 5.36 16.68
CA PHE B 134 5.79 4.92 18.05
C PHE B 134 5.06 5.99 18.85
N VAL B 135 5.41 7.26 18.61
CA VAL B 135 4.79 8.37 19.32
C VAL B 135 3.63 8.97 18.51
N ALA B 136 3.37 8.42 17.33
CA ALA B 136 2.45 9.04 16.38
C ALA B 136 0.98 8.93 16.78
N ASP B 137 0.66 7.98 17.66
CA ASP B 137 -0.72 7.79 18.09
C ASP B 137 -1.22 8.97 18.89
N PHE B 138 -0.40 9.44 19.83
CA PHE B 138 -0.77 10.51 20.75
C PHE B 138 -0.31 11.88 20.28
N VAL B 139 0.30 11.96 19.11
CA VAL B 139 0.84 13.22 18.60
C VAL B 139 0.30 13.53 17.21
N GLN B 140 -0.30 14.71 17.08
CA GLN B 140 -0.76 15.24 15.80
C GLN B 140 -0.34 16.69 15.69
N VAL B 141 -0.18 17.18 14.47
CA VAL B 141 0.28 18.55 14.26
C VAL B 141 -0.81 19.55 14.66
N GLU B 142 -0.44 20.51 15.52
CA GLU B 142 -1.35 21.58 15.89
C GLU B 142 -1.50 22.58 14.75
N ALA B 143 -0.36 23.06 14.24
CA ALA B 143 -0.37 24.02 13.14
C ALA B 143 0.96 24.03 12.38
N TRP B 144 0.93 24.56 11.15
CA TRP B 144 2.13 24.81 10.38
C TRP B 144 2.62 26.23 10.67
N VAL B 145 3.73 26.63 10.05
CA VAL B 145 4.34 27.93 10.31
C VAL B 145 5.03 28.44 9.03
N ASP B 146 5.29 29.74 8.98
CA ASP B 146 6.06 30.34 7.88
C ASP B 146 7.28 31.06 8.47
N GLU B 147 8.25 31.38 7.61
CA GLU B 147 9.59 31.79 8.06
C GLU B 147 9.57 32.86 9.14
N GLU B 148 8.69 33.85 9.01
CA GLU B 148 8.64 34.95 9.98
C GLU B 148 7.75 34.62 11.18
N GLY B 149 7.03 33.51 11.12
CA GLY B 149 6.36 32.97 12.28
C GLY B 149 4.85 33.14 12.37
N MET B 150 4.24 33.85 11.43
CA MET B 150 2.78 33.88 11.37
C MET B 150 2.31 32.56 10.81
N GLU B 151 1.46 31.85 11.55
CA GLU B 151 1.19 30.46 11.23
C GLU B 151 -0.25 30.25 10.78
N LEU B 152 -0.56 29.02 10.38
CA LEU B 152 -1.86 28.69 9.81
C LEU B 152 -2.47 27.47 10.48
N TRP B 153 -3.57 27.70 11.19
CA TRP B 153 -4.37 26.63 11.77
C TRP B 153 -5.54 26.35 10.83
N ARG B 154 -6.48 25.53 11.29
CA ARG B 154 -7.76 25.38 10.61
C ARG B 154 -8.50 26.73 10.56
N ASN B 155 -8.04 27.68 11.38
CA ASN B 155 -8.55 29.05 11.35
C ASN B 155 -8.74 29.60 9.94
N TYR B 161 -10.14 34.65 3.22
CA TYR B 161 -8.73 34.31 2.99
C TYR B 161 -8.56 33.67 1.63
N ASP B 162 -7.40 33.88 1.02
CA ASP B 162 -7.10 33.36 -0.30
C ASP B 162 -6.72 31.90 -0.18
N GLY B 163 -7.46 30.98 -0.80
CA GLY B 163 -7.00 29.61 -0.75
C GLY B 163 -5.72 29.60 -1.57
N LYS B 164 -4.62 29.31 -0.89
CA LYS B 164 -3.33 29.03 -1.52
C LYS B 164 -2.77 27.82 -0.79
N TYR B 165 -2.49 28.07 0.48
CA TYR B 165 -2.07 27.04 1.42
C TYR B 165 -3.29 26.42 2.08
N LEU B 166 -3.48 25.12 1.84
CA LEU B 166 -4.56 24.36 2.47
C LEU B 166 -3.98 23.33 3.41
N VAL B 167 -4.52 23.28 4.63
CA VAL B 167 -4.08 22.31 5.62
C VAL B 167 -5.08 21.16 5.67
N LEU B 168 -4.65 19.98 5.24
CA LEU B 168 -5.52 18.82 5.21
C LEU B 168 -5.80 18.35 6.64
N PRO B 169 -6.94 17.66 6.84
CA PRO B 169 -7.27 17.15 8.18
C PRO B 169 -6.25 16.12 8.66
N SER B 170 -5.46 15.59 7.72
CA SER B 170 -4.38 14.66 8.04
C SER B 170 -3.22 15.39 8.71
N GLY B 171 -3.30 16.71 8.78
CA GLY B 171 -2.23 17.51 9.37
C GLY B 171 -1.04 17.65 8.44
N GLU B 172 -1.32 17.98 7.19
CA GLU B 172 -0.27 18.19 6.19
C GLU B 172 -0.57 19.45 5.38
N LEU B 173 0.48 20.14 4.97
CA LEU B 173 0.33 21.41 4.26
C LEU B 173 0.26 21.21 2.75
N HIS B 174 -0.82 21.71 2.15
CA HIS B 174 -1.02 21.65 0.70
C HIS B 174 -0.69 23.01 0.08
N ILE B 175 -0.15 22.98 -1.12
CA ILE B 175 0.28 24.20 -1.81
C ILE B 175 -0.36 24.27 -3.18
N ARG B 176 -1.11 25.35 -3.43
CA ARG B 176 -1.87 25.50 -4.66
C ARG B 176 -0.94 25.84 -5.82
N GLU B 177 -0.99 24.99 -6.86
CA GLU B 177 -0.08 25.11 -8.00
C GLU B 177 1.36 25.19 -7.48
N VAL B 178 2.16 26.08 -8.04
CA VAL B 178 3.55 26.25 -7.62
C VAL B 178 4.19 27.36 -8.45
N GLY B 179 5.29 27.91 -7.96
CA GLY B 179 6.10 28.83 -8.73
C GLY B 179 7.41 29.06 -8.01
N PRO B 180 8.46 29.47 -8.74
CA PRO B 180 9.77 29.73 -8.13
C PRO B 180 9.68 30.67 -6.92
N GLU B 181 8.66 31.50 -6.91
CA GLU B 181 8.39 32.39 -5.78
C GLU B 181 8.13 31.60 -4.50
N ASP B 182 7.56 30.40 -4.66
CA ASP B 182 7.19 29.58 -3.51
C ASP B 182 8.39 28.95 -2.81
N GLY B 183 9.42 28.62 -3.58
CA GLY B 183 10.59 27.95 -3.04
C GLY B 183 11.46 28.85 -2.19
N TYR B 184 11.05 30.10 -2.05
CA TYR B 184 11.81 31.08 -1.26
C TYR B 184 11.34 31.08 0.20
N LYS B 185 10.45 30.14 0.53
CA LYS B 185 9.90 30.02 1.88
C LYS B 185 10.35 28.72 2.55
N SER B 186 10.38 28.74 3.89
CA SER B 186 10.63 27.54 4.68
C SER B 186 9.56 27.42 5.77
N TYR B 187 9.20 26.17 6.07
CA TYR B 187 8.11 25.90 7.02
C TYR B 187 8.52 24.82 8.02
N GLN B 188 8.13 24.99 9.27
CA GLN B 188 8.19 23.91 10.26
C GLN B 188 6.81 23.64 10.83
N CYS B 189 6.55 22.37 11.15
CA CYS B 189 5.27 21.98 11.72
C CYS B 189 5.37 21.88 13.24
N ARG B 190 4.41 22.49 13.93
CA ARG B 190 4.30 22.39 15.37
C ARG B 190 3.29 21.30 15.72
N THR B 191 3.59 20.53 16.75
CA THR B 191 2.76 19.39 17.12
C THR B 191 2.26 19.50 18.55
N LYS B 192 1.10 18.89 18.82
CA LYS B 192 0.52 18.86 20.15
C LYS B 192 0.36 17.44 20.65
N HIS B 193 0.77 17.22 21.90
CA HIS B 193 0.55 15.94 22.55
C HIS B 193 -0.83 15.95 23.20
N ARG B 194 -1.66 14.96 22.90
CA ARG B 194 -3.05 14.98 23.34
C ARG B 194 -3.21 14.46 24.77
N LEU B 195 -2.09 14.11 25.39
CA LEU B 195 -2.08 13.72 26.80
C LEU B 195 -1.67 14.90 27.68
N THR B 196 -0.40 15.29 27.61
CA THR B 196 0.15 16.32 28.49
C THR B 196 -0.02 17.73 27.92
N GLY B 197 -0.40 17.81 26.65
CA GLY B 197 -0.63 19.10 26.01
C GLY B 197 0.65 19.84 25.67
N GLU B 198 1.80 19.20 25.91
CA GLU B 198 3.08 19.81 25.59
C GLU B 198 3.23 19.95 24.08
N THR B 199 3.95 20.99 23.65
CA THR B 199 4.12 21.26 22.22
C THR B 199 5.59 21.31 21.83
N ARG B 200 5.86 21.03 20.56
CA ARG B 200 7.22 21.06 20.02
C ARG B 200 7.24 21.53 18.58
N LEU B 201 8.26 22.33 18.25
CA LEU B 201 8.51 22.72 16.86
C LEU B 201 9.34 21.63 16.19
N SER B 202 9.05 21.36 14.92
CA SER B 202 9.75 20.32 14.18
C SER B 202 11.25 20.62 14.10
N ALA B 203 12.03 19.55 14.11
CA ALA B 203 13.50 19.63 14.15
C ALA B 203 14.09 20.46 13.02
N THR B 204 13.41 20.51 11.88
CA THR B 204 13.92 21.26 10.73
C THR B 204 12.79 21.93 9.96
N LYS B 205 13.11 23.08 9.35
CA LYS B 205 12.15 23.79 8.52
C LYS B 205 12.14 23.18 7.12
N GLY B 206 10.98 22.69 6.69
CA GLY B 206 10.83 22.14 5.36
C GLY B 206 10.97 23.22 4.30
N ARG B 207 11.36 22.81 3.09
CA ARG B 207 11.62 23.74 2.00
C ARG B 207 11.14 23.15 0.68
N LEU B 208 10.85 24.01 -0.29
CA LEU B 208 10.44 23.58 -1.62
C LEU B 208 11.57 23.72 -2.63
N VAL B 209 11.95 22.61 -3.24
CA VAL B 209 12.90 22.63 -4.35
C VAL B 209 12.11 22.50 -5.65
N ILE B 210 12.19 23.53 -6.48
CA ILE B 210 11.37 23.62 -7.68
C ILE B 210 12.21 23.35 -8.93
N THR B 211 11.83 22.31 -9.66
CA THR B 211 12.55 21.91 -10.86
C THR B 211 11.88 22.49 -12.11
N GLU B 212 12.69 23.14 -12.95
CA GLU B 212 12.20 23.66 -14.22
C GLU B 212 12.23 22.54 -15.27
N PRO B 213 11.09 22.24 -15.90
CA PRO B 213 11.08 21.12 -16.85
C PRO B 213 11.46 21.55 -18.26
N VAL B 214 11.51 20.58 -19.16
CA VAL B 214 11.68 20.85 -20.59
C VAL B 214 10.61 20.08 -21.37
N GLY B 215 10.64 18.75 -21.28
CA GLY B 215 9.70 17.90 -21.97
C GLY B 215 10.01 16.44 -21.77
N SER B 216 9.30 15.57 -22.48
CA SER B 216 9.58 14.14 -22.49
C SER B 216 9.46 13.47 -21.12
N VAL B 217 8.35 13.71 -20.42
CA VAL B 217 8.11 13.09 -19.12
C VAL B 217 6.64 12.72 -18.94
N SER B 218 6.42 11.55 -18.33
CA SER B 218 5.07 11.06 -18.04
C SER B 218 4.89 10.96 -16.53
N PRO B 219 3.64 11.02 -16.05
CA PRO B 219 3.48 10.98 -14.59
C PRO B 219 3.95 9.66 -13.99
N GLN B 220 4.83 9.71 -13.00
CA GLN B 220 5.06 8.60 -12.08
C GLN B 220 5.30 7.24 -12.76
N LEU B 221 4.38 6.30 -12.52
CA LEU B 221 4.49 4.88 -12.82
C LEU B 221 5.77 4.23 -12.27
N SER B 222 6.29 3.25 -13.02
CA SER B 222 7.68 2.83 -12.97
C SER B 222 7.95 2.14 -14.30
N GLY B 223 9.15 2.26 -14.85
CA GLY B 223 9.54 1.34 -15.93
C GLY B 223 10.38 0.15 -15.50
N ASN B 224 11.13 0.29 -14.41
CA ASN B 224 12.11 -0.74 -14.02
C ASN B 224 11.74 -1.71 -12.91
N GLY B 225 10.59 -1.50 -12.29
CA GLY B 225 10.45 -2.02 -10.94
C GLY B 225 9.50 -1.22 -10.09
N ASN B 226 9.75 -1.25 -8.79
CA ASN B 226 8.95 -0.56 -7.79
C ASN B 226 7.50 -1.04 -7.80
N GLN B 227 6.54 -0.12 -7.72
CA GLN B 227 5.16 -0.53 -7.52
C GLN B 227 4.14 0.59 -7.66
N GLU B 228 2.88 0.20 -7.47
CA GLU B 228 1.82 1.11 -7.13
C GLU B 228 1.48 0.87 -5.66
N HIS B 229 1.33 1.95 -4.89
CA HIS B 229 0.97 1.81 -3.48
C HIS B 229 -0.54 1.88 -3.32
N ILE B 230 -1.12 0.80 -2.82
CA ILE B 230 -2.52 0.79 -2.43
C ILE B 230 -2.57 1.15 -0.95
N THR B 231 -3.10 2.34 -0.67
CA THR B 231 -3.16 2.83 0.69
C THR B 231 -4.57 2.65 1.22
N LEU B 232 -4.73 1.72 2.16
CA LEU B 232 -6.02 1.51 2.81
C LEU B 232 -6.03 2.28 4.11
N THR B 233 -7.05 3.12 4.28
CA THR B 233 -7.13 4.03 5.40
C THR B 233 -8.53 4.04 5.97
N ARG B 234 -8.63 4.27 7.28
CA ARG B 234 -9.93 4.38 7.94
C ARG B 234 -10.04 5.69 8.70
N VAL B 235 -11.24 6.25 8.69
CA VAL B 235 -11.53 7.49 9.40
C VAL B 235 -12.87 7.33 10.09
N PRO B 236 -13.01 7.87 11.31
CA PRO B 236 -14.30 7.70 12.00
C PRO B 236 -15.44 8.43 11.29
N LYS B 237 -16.68 7.99 11.56
CA LYS B 237 -17.85 8.69 11.08
C LYS B 237 -17.81 10.11 11.64
N MET B 238 -18.38 11.07 10.91
CA MET B 238 -18.37 12.49 11.28
C MET B 238 -16.98 13.12 11.20
N GLY B 239 -15.96 12.32 10.88
CA GLY B 239 -14.60 12.83 10.73
C GLY B 239 -14.29 13.19 9.29
N SER B 240 -13.28 14.02 9.10
CA SER B 240 -12.85 14.42 7.75
C SER B 240 -11.81 13.47 7.21
N VAL B 241 -11.99 13.03 5.96
CA VAL B 241 -11.09 12.08 5.33
C VAL B 241 -10.04 12.83 4.49
N THR B 242 -9.11 12.08 3.92
CA THR B 242 -8.19 12.58 2.92
C THR B 242 -7.81 11.45 1.98
N LEU B 243 -7.64 11.78 0.70
CA LEU B 243 -7.22 10.79 -0.29
C LEU B 243 -6.11 11.38 -1.14
N MET B 244 -4.96 10.74 -1.10
CA MET B 244 -3.74 11.28 -1.68
C MET B 244 -3.52 10.80 -3.11
N CYS B 245 -3.34 11.76 -4.02
CA CYS B 245 -2.89 11.45 -5.37
C CYS B 245 -1.77 12.39 -5.79
N PRO B 246 -0.66 12.40 -5.02
CA PRO B 246 0.52 13.16 -5.41
C PRO B 246 1.24 12.54 -6.60
N ALA B 247 1.61 13.34 -7.58
CA ALA B 247 2.42 12.86 -8.69
C ALA B 247 3.15 14.01 -9.36
N GLN B 248 4.22 13.68 -10.09
CA GLN B 248 4.97 14.67 -10.86
C GLN B 248 5.01 14.23 -12.32
N ALA B 249 4.56 15.10 -13.20
CA ALA B 249 4.43 14.77 -14.62
C ALA B 249 4.82 15.94 -15.51
N TYR B 250 4.76 15.73 -16.82
CA TYR B 250 4.88 16.82 -17.76
C TYR B 250 3.85 16.66 -18.88
N PRO B 251 3.20 17.75 -19.30
CA PRO B 251 2.97 19.00 -18.57
C PRO B 251 1.88 18.75 -17.53
N VAL B 252 1.34 19.78 -16.88
CA VAL B 252 0.35 19.56 -15.83
C VAL B 252 -0.72 18.58 -16.32
N PRO B 253 -0.98 17.50 -15.57
CA PRO B 253 -1.94 16.51 -16.06
C PRO B 253 -3.36 16.76 -15.59
N PHE B 254 -4.28 15.90 -16.00
CA PHE B 254 -5.65 15.92 -15.50
C PHE B 254 -5.78 14.88 -14.38
N PHE B 255 -6.53 15.26 -13.34
CA PHE B 255 -6.83 14.34 -12.25
C PHE B 255 -8.34 14.07 -12.22
N ARG B 256 -8.70 12.80 -12.34
CA ARG B 256 -10.09 12.38 -12.27
C ARG B 256 -10.27 11.32 -11.17
N TRP B 257 -11.02 11.68 -10.13
CA TRP B 257 -11.32 10.74 -9.06
C TRP B 257 -12.49 9.85 -9.45
N TYR B 258 -12.37 8.56 -9.15
CA TYR B 258 -13.43 7.60 -9.43
C TYR B 258 -13.69 6.74 -8.19
N LYS B 259 -14.67 5.84 -8.30
CA LYS B 259 -15.03 4.97 -7.20
C LYS B 259 -15.58 3.63 -7.70
N PHE B 260 -15.26 2.56 -6.97
CA PHE B 260 -15.78 1.23 -7.27
C PHE B 260 -16.98 0.94 -6.37
N ILE B 261 -18.01 0.29 -6.94
CA ILE B 261 -19.17 -0.11 -6.16
C ILE B 261 -19.14 -1.61 -5.87
N GLU B 262 -18.88 -1.94 -4.61
CA GLU B 262 -19.13 -3.28 -4.06
C GLU B 262 -18.75 -4.43 -5.00
N GLY B 263 -17.47 -4.57 -5.27
CA GLY B 263 -16.98 -5.66 -6.09
C GLY B 263 -17.19 -5.47 -7.59
N THR B 264 -17.96 -4.45 -7.97
CA THR B 264 -18.16 -4.17 -9.38
C THR B 264 -16.88 -3.58 -9.95
N THR B 265 -16.38 -4.21 -11.02
CA THR B 265 -15.13 -3.77 -11.63
C THR B 265 -15.35 -2.49 -12.43
N ARG B 266 -16.60 -2.17 -12.71
CA ARG B 266 -16.93 -0.92 -13.39
C ARG B 266 -16.67 0.25 -12.45
N LYS B 267 -15.86 1.19 -12.92
CA LYS B 267 -15.51 2.37 -12.13
C LYS B 267 -16.51 3.48 -12.45
N GLN B 268 -16.90 4.24 -11.44
CA GLN B 268 -17.86 5.32 -11.63
C GLN B 268 -17.25 6.69 -11.35
N ALA B 269 -18.05 7.73 -11.58
CA ALA B 269 -17.63 9.09 -11.30
C ALA B 269 -17.86 9.45 -9.84
N VAL B 270 -16.97 10.26 -9.28
CA VAL B 270 -17.16 10.78 -7.92
C VAL B 270 -17.91 12.09 -7.98
N VAL B 271 -19.02 12.16 -7.27
CA VAL B 271 -19.77 13.42 -7.18
C VAL B 271 -18.95 14.40 -6.35
N LEU B 272 -18.72 15.58 -6.91
CA LEU B 272 -18.01 16.63 -6.20
C LEU B 272 -19.03 17.62 -5.65
N ASN B 273 -19.13 17.63 -4.33
CA ASN B 273 -20.11 18.42 -3.61
C ASN B 273 -19.42 19.63 -2.96
N ASP B 274 -20.18 20.47 -2.27
CA ASP B 274 -19.58 21.50 -1.44
C ASP B 274 -18.93 20.86 -0.22
N ARG B 275 -19.36 19.64 0.10
CA ARG B 275 -18.77 18.87 1.19
C ARG B 275 -17.63 17.96 0.71
N VAL B 276 -17.50 17.82 -0.61
CA VAL B 276 -16.51 16.92 -1.19
C VAL B 276 -15.74 17.63 -2.29
N LYS B 277 -14.44 17.82 -2.09
CA LYS B 277 -13.63 18.65 -2.97
C LYS B 277 -12.44 17.92 -3.59
N GLN B 278 -12.40 17.89 -4.91
CA GLN B 278 -11.18 17.51 -5.61
C GLN B 278 -10.30 18.74 -5.65
N VAL B 279 -9.12 18.63 -5.04
CA VAL B 279 -8.17 19.73 -4.95
C VAL B 279 -6.86 19.27 -5.57
N SER B 280 -6.49 19.88 -6.69
CA SER B 280 -5.45 19.32 -7.54
C SER B 280 -5.87 17.88 -7.84
N GLY B 281 -5.08 16.90 -7.41
CA GLY B 281 -5.47 15.50 -7.48
C GLY B 281 -5.91 14.96 -6.14
N THR B 282 -5.93 15.83 -5.11
CA THR B 282 -6.19 15.40 -3.75
C THR B 282 -7.65 15.61 -3.36
N LEU B 283 -8.31 14.54 -2.93
CA LEU B 283 -9.71 14.57 -2.56
C LEU B 283 -9.91 14.65 -1.05
N ILE B 284 -10.80 15.55 -0.61
CA ILE B 284 -11.12 15.72 0.80
C ILE B 284 -12.62 15.55 1.03
N ILE B 285 -12.97 14.70 1.98
CA ILE B 285 -14.37 14.49 2.37
C ILE B 285 -14.58 14.99 3.79
N LYS B 286 -15.70 15.68 4.00
CA LYS B 286 -16.10 16.13 5.33
C LYS B 286 -17.22 15.24 5.87
N ASP B 287 -17.16 14.94 7.16
CA ASP B 287 -18.21 14.17 7.83
C ASP B 287 -18.47 12.84 7.13
N ALA B 288 -17.50 11.93 7.22
CA ALA B 288 -17.60 10.63 6.56
C ALA B 288 -18.76 9.80 7.11
N VAL B 289 -19.31 8.93 6.28
CA VAL B 289 -20.37 8.02 6.69
C VAL B 289 -20.15 6.65 6.05
N VAL B 290 -20.89 5.66 6.53
CA VAL B 290 -20.72 4.27 6.11
C VAL B 290 -20.76 4.10 4.59
N GLU B 291 -21.57 4.90 3.90
CA GLU B 291 -21.70 4.77 2.45
C GLU B 291 -20.42 5.19 1.73
N ASP B 292 -19.65 6.09 2.33
CA ASP B 292 -18.39 6.53 1.74
C ASP B 292 -17.38 5.39 1.73
N SER B 293 -17.61 4.39 2.57
CA SER B 293 -16.73 3.23 2.63
C SER B 293 -16.69 2.52 1.28
N GLY B 294 -15.47 2.31 0.78
CA GLY B 294 -15.26 1.67 -0.50
C GLY B 294 -13.90 2.06 -1.03
N LYS B 295 -13.48 1.45 -2.12
CA LYS B 295 -12.18 1.77 -2.72
C LYS B 295 -12.33 2.82 -3.80
N TYR B 296 -11.46 3.83 -3.76
CA TYR B 296 -11.49 4.90 -4.76
C TYR B 296 -10.37 4.69 -5.77
N LEU B 297 -10.32 5.58 -6.76
CA LEU B 297 -9.31 5.51 -7.81
C LEU B 297 -8.97 6.89 -8.32
N CYS B 298 -7.70 7.13 -8.61
CA CYS B 298 -7.25 8.39 -9.18
C CYS B 298 -6.59 8.15 -10.53
N VAL B 299 -7.23 8.60 -11.59
CA VAL B 299 -6.70 8.42 -12.94
C VAL B 299 -5.79 9.59 -13.29
N VAL B 300 -4.55 9.28 -13.66
CA VAL B 300 -3.57 10.28 -14.03
C VAL B 300 -3.23 10.16 -15.50
N ASN B 301 -3.67 11.13 -16.31
CA ASN B 301 -3.27 11.19 -17.71
C ASN B 301 -2.89 12.58 -18.18
N ASN B 302 -1.63 12.74 -18.58
CA ASN B 302 -1.25 13.79 -19.51
C ASN B 302 -1.16 13.17 -20.91
N SER B 303 -0.66 13.92 -21.87
CA SER B 303 -0.58 13.45 -23.25
C SER B 303 0.16 12.12 -23.43
N VAL B 304 1.04 11.78 -22.48
CA VAL B 304 1.89 10.60 -22.60
C VAL B 304 1.23 9.33 -22.03
N GLY B 305 0.08 9.50 -21.37
CA GLY B 305 -0.53 8.41 -20.63
C GLY B 305 -0.14 8.47 -19.17
N GLY B 306 -0.17 7.34 -18.47
CA GLY B 306 -0.09 7.36 -17.03
C GLY B 306 -0.44 6.06 -16.33
N GLU B 307 -0.92 6.20 -15.10
CA GLU B 307 -1.16 5.10 -14.18
C GLU B 307 -1.84 5.70 -12.95
N SER B 308 -2.47 4.86 -12.14
CA SER B 308 -3.45 5.33 -11.17
C SER B 308 -3.17 4.96 -9.72
N VAL B 309 -3.55 5.85 -8.82
CA VAL B 309 -3.50 5.60 -7.38
C VAL B 309 -4.75 4.88 -6.93
N GLU B 310 -4.57 3.70 -6.32
CA GLU B 310 -5.68 2.98 -5.73
C GLU B 310 -5.71 3.25 -4.23
N THR B 311 -6.89 3.54 -3.69
CA THR B 311 -7.03 3.88 -2.29
C THR B 311 -8.29 3.24 -1.71
N VAL B 312 -8.15 2.59 -0.56
CA VAL B 312 -9.26 1.94 0.13
C VAL B 312 -9.70 2.78 1.33
N LEU B 313 -10.99 3.05 1.41
CA LEU B 313 -11.56 3.83 2.51
C LEU B 313 -12.53 2.98 3.33
N THR B 314 -12.37 3.03 4.65
CA THR B 314 -13.26 2.32 5.56
C THR B 314 -13.70 3.25 6.69
N VAL B 315 -14.99 3.55 6.76
CA VAL B 315 -15.50 4.46 7.77
C VAL B 315 -15.98 3.71 8.99
N THR B 316 -15.28 3.91 10.11
CA THR B 316 -15.66 3.27 11.37
C THR B 316 -16.72 4.08 12.08
N ALA B 317 -17.68 3.38 12.68
CA ALA B 317 -18.70 4.01 13.50
C ALA B 317 -18.72 3.32 14.86
N PRO B 318 -18.98 4.08 15.93
CA PRO B 318 -18.89 3.53 17.30
C PRO B 318 -19.85 2.37 17.53
N LEU B 319 -19.36 1.32 18.18
CA LEU B 319 -20.16 0.12 18.41
C LEU B 319 -21.20 0.32 19.49
N SER B 320 -22.32 -0.38 19.34
CA SER B 320 -23.38 -0.41 20.32
C SER B 320 -24.14 -1.72 20.22
N ALA B 321 -24.76 -2.13 21.32
CA ALA B 321 -25.49 -3.39 21.37
C ALA B 321 -26.79 -3.22 22.14
N LYS B 322 -27.82 -3.92 21.68
CA LYS B 322 -29.10 -3.96 22.37
C LYS B 322 -29.67 -5.37 22.25
N ILE B 323 -30.09 -5.94 23.38
CA ILE B 323 -30.74 -7.25 23.38
C ILE B 323 -32.24 -7.06 23.47
N ASP B 324 -32.98 -7.90 22.75
CA ASP B 324 -34.43 -7.94 22.88
C ASP B 324 -34.89 -9.38 23.04
N PRO B 325 -35.87 -9.63 23.93
CA PRO B 325 -36.39 -8.69 24.93
C PRO B 325 -35.38 -8.46 26.05
N PRO B 326 -35.39 -7.27 26.68
CA PRO B 326 -34.45 -6.99 27.77
C PRO B 326 -34.66 -7.91 28.98
N THR B 327 -35.91 -8.31 29.21
CA THR B 327 -36.23 -9.27 30.25
C THR B 327 -37.43 -10.10 29.81
N GLN B 328 -37.42 -11.38 30.16
CA GLN B 328 -38.52 -12.26 29.79
C GLN B 328 -38.67 -13.40 30.80
N THR B 329 -39.90 -13.85 30.98
CA THR B 329 -40.21 -14.99 31.84
C THR B 329 -40.92 -16.05 31.02
N VAL B 330 -40.28 -17.20 30.86
CA VAL B 330 -40.83 -18.30 30.08
C VAL B 330 -40.89 -19.57 30.92
N ASP B 331 -41.92 -20.37 30.72
CA ASP B 331 -42.14 -21.55 31.52
C ASP B 331 -41.16 -22.66 31.15
N PHE B 332 -41.27 -23.79 31.85
CA PHE B 332 -40.39 -24.92 31.60
C PHE B 332 -40.74 -25.62 30.29
N GLY B 333 -39.73 -26.10 29.59
CA GLY B 333 -39.94 -26.86 28.36
C GLY B 333 -40.10 -26.01 27.11
N ARG B 334 -40.28 -24.70 27.29
CA ARG B 334 -40.51 -23.82 26.16
C ARG B 334 -39.21 -23.41 25.48
N PRO B 335 -39.29 -22.66 24.39
CA PRO B 335 -38.11 -21.97 23.84
C PRO B 335 -37.79 -20.66 24.58
N ALA B 336 -36.52 -20.27 24.56
CA ALA B 336 -36.09 -18.95 25.00
C ALA B 336 -35.17 -18.35 23.95
N VAL B 337 -35.48 -17.12 23.53
CA VAL B 337 -34.78 -16.49 22.42
C VAL B 337 -34.28 -15.10 22.79
N PHE B 338 -33.04 -14.83 22.38
CA PHE B 338 -32.41 -13.52 22.54
C PHE B 338 -31.98 -13.02 21.18
N THR B 339 -32.15 -11.72 20.95
CA THR B 339 -31.80 -11.11 19.67
C THR B 339 -30.85 -9.93 19.88
N CYS B 340 -29.62 -10.07 19.39
CA CYS B 340 -28.65 -9.00 19.48
C CYS B 340 -28.84 -8.02 18.32
N GLN B 341 -29.07 -6.76 18.68
CA GLN B 341 -29.26 -5.69 17.70
C GLN B 341 -28.13 -4.68 17.84
N TYR B 342 -27.27 -4.60 16.84
CA TYR B 342 -26.07 -3.78 16.92
C TYR B 342 -25.91 -2.81 15.76
N THR B 343 -25.13 -1.76 16.00
CA THR B 343 -24.78 -0.78 14.98
C THR B 343 -23.29 -0.50 15.06
N GLY B 344 -22.77 0.16 14.03
CA GLY B 344 -21.35 0.50 13.99
C GLY B 344 -20.60 -0.36 12.99
N ASN B 345 -19.41 0.09 12.61
CA ASN B 345 -18.59 -0.61 11.64
C ASN B 345 -17.10 -0.47 11.96
N PRO B 346 -16.28 -1.46 11.57
CA PRO B 346 -16.66 -2.78 11.07
C PRO B 346 -17.12 -3.71 12.19
N ILE B 347 -17.83 -4.78 11.84
CA ILE B 347 -18.19 -5.81 12.81
C ILE B 347 -17.38 -7.07 12.53
N LYS B 348 -16.45 -7.37 13.44
CA LYS B 348 -15.55 -8.50 13.25
C LYS B 348 -16.18 -9.78 13.79
N THR B 349 -16.39 -9.84 15.09
CA THR B 349 -16.96 -11.01 15.74
C THR B 349 -18.19 -10.66 16.58
N VAL B 350 -19.10 -11.62 16.69
CA VAL B 350 -20.23 -11.54 17.60
C VAL B 350 -20.18 -12.77 18.51
N SER B 351 -20.54 -12.60 19.77
CA SER B 351 -20.52 -13.71 20.71
C SER B 351 -21.47 -13.49 21.87
N TRP B 352 -21.83 -14.58 22.53
CA TRP B 352 -22.77 -14.54 23.65
C TRP B 352 -22.11 -15.01 24.94
N MET B 353 -22.63 -14.54 26.07
CA MET B 353 -22.14 -14.95 27.38
C MET B 353 -23.28 -15.22 28.35
N LYS B 354 -23.00 -16.08 29.32
CA LYS B 354 -23.96 -16.45 30.36
C LYS B 354 -23.30 -16.35 31.72
N ASP B 355 -23.77 -15.41 32.54
CA ASP B 355 -23.22 -15.20 33.88
C ASP B 355 -21.69 -15.15 33.87
N GLY B 356 -21.13 -14.51 32.85
CA GLY B 356 -19.69 -14.40 32.72
C GLY B 356 -19.04 -15.68 32.22
N LYS B 357 -19.75 -16.38 31.34
CA LYS B 357 -19.25 -17.63 30.75
C LYS B 357 -19.61 -17.67 29.27
N ALA B 358 -18.63 -18.00 28.44
CA ALA B 358 -18.85 -18.09 26.99
C ALA B 358 -19.78 -19.25 26.66
N ILE B 359 -20.79 -18.98 25.84
CA ILE B 359 -21.74 -20.00 25.43
C ILE B 359 -22.17 -19.78 24.00
N GLY B 360 -22.65 -20.84 23.36
CA GLY B 360 -23.25 -20.75 22.05
C GLY B 360 -22.30 -20.32 20.96
N HIS B 361 -22.85 -20.10 19.78
CA HIS B 361 -22.08 -19.71 18.61
C HIS B 361 -22.01 -18.20 18.46
N SER B 362 -21.53 -17.75 17.32
CA SER B 362 -21.38 -16.33 17.03
C SER B 362 -22.65 -15.73 16.42
N GLU B 363 -23.69 -16.56 16.30
CA GLU B 363 -24.94 -16.15 15.69
C GLU B 363 -25.54 -14.90 16.35
N PRO B 364 -26.22 -14.05 15.57
CA PRO B 364 -26.86 -12.83 16.10
C PRO B 364 -28.05 -13.15 17.00
N VAL B 365 -28.57 -14.38 16.90
CA VAL B 365 -29.71 -14.80 17.69
C VAL B 365 -29.38 -16.04 18.53
N LEU B 366 -29.48 -15.89 19.83
CA LEU B 366 -29.26 -17.01 20.76
C LEU B 366 -30.60 -17.67 21.09
N ARG B 367 -30.66 -18.98 20.91
CA ARG B 367 -31.88 -19.74 21.17
C ARG B 367 -31.65 -20.89 22.14
N ILE B 368 -32.62 -21.10 23.03
CA ILE B 368 -32.64 -22.24 23.93
C ILE B 368 -33.87 -23.08 23.61
N GLU B 369 -33.66 -24.29 23.10
CA GLU B 369 -34.77 -25.16 22.71
C GLU B 369 -35.73 -25.42 23.87
N SER B 370 -35.23 -26.09 24.90
CA SER B 370 -36.01 -26.35 26.11
C SER B 370 -35.33 -25.70 27.31
N VAL B 371 -35.98 -24.69 27.89
CA VAL B 371 -35.41 -23.96 29.01
C VAL B 371 -35.55 -24.79 30.29
N LYS B 372 -34.43 -24.92 31.01
CA LYS B 372 -34.40 -25.62 32.28
C LYS B 372 -34.31 -24.62 33.43
N LYS B 373 -34.24 -25.14 34.65
CA LYS B 373 -34.18 -24.28 35.84
C LYS B 373 -32.82 -23.62 35.99
N GLU B 374 -31.80 -24.22 35.39
CA GLU B 374 -30.42 -23.75 35.55
C GLU B 374 -30.10 -22.61 34.57
N ASP B 375 -31.07 -22.25 33.75
CA ASP B 375 -30.87 -21.30 32.67
C ASP B 375 -31.23 -19.85 33.04
N LYS B 376 -31.57 -19.61 34.30
CA LYS B 376 -32.24 -18.36 34.69
C LYS B 376 -31.29 -17.19 34.97
N GLY B 377 -29.99 -17.39 34.76
CA GLY B 377 -29.02 -16.34 35.00
C GLY B 377 -29.05 -15.24 33.95
N MET B 378 -28.06 -14.34 34.01
CA MET B 378 -27.95 -13.25 33.04
C MET B 378 -27.35 -13.74 31.74
N TYR B 379 -27.80 -13.15 30.63
CA TYR B 379 -27.25 -13.43 29.31
C TYR B 379 -26.75 -12.12 28.71
N GLN B 380 -25.59 -12.18 28.07
CA GLN B 380 -25.02 -11.00 27.41
C GLN B 380 -24.70 -11.27 25.95
N CYS B 381 -24.78 -10.20 25.16
CA CYS B 381 -24.38 -10.22 23.76
C CYS B 381 -23.20 -9.28 23.58
N PHE B 382 -22.14 -9.77 22.96
CA PHE B 382 -20.93 -8.98 22.74
C PHE B 382 -20.65 -8.78 21.26
N VAL B 383 -20.45 -7.53 20.85
CA VAL B 383 -19.97 -7.24 19.51
C VAL B 383 -18.57 -6.65 19.60
N ARG B 384 -17.58 -7.45 19.24
CA ARG B 384 -16.19 -6.99 19.14
C ARG B 384 -15.90 -6.34 17.80
N ASN B 385 -14.92 -5.44 17.80
CA ASN B 385 -14.44 -4.78 16.58
C ASN B 385 -12.93 -4.65 16.64
N ASP B 386 -12.31 -4.37 15.49
CA ASP B 386 -10.87 -4.21 15.39
C ASP B 386 -10.34 -3.19 16.40
N GLN B 387 -11.19 -2.24 16.77
CA GLN B 387 -10.83 -1.21 17.74
C GLN B 387 -11.56 -1.41 19.06
N GLU B 388 -12.86 -1.14 19.06
CA GLU B 388 -13.66 -1.13 20.27
C GLU B 388 -14.53 -2.37 20.41
N SER B 389 -15.31 -2.41 21.48
CA SER B 389 -16.32 -3.45 21.67
C SER B 389 -17.51 -2.84 22.38
N ALA B 390 -18.50 -3.67 22.70
CA ALA B 390 -19.70 -3.23 23.39
C ALA B 390 -20.59 -4.44 23.64
N GLU B 391 -21.55 -4.28 24.55
CA GLU B 391 -22.45 -5.38 24.89
C GLU B 391 -23.78 -4.90 25.45
N ALA B 392 -24.74 -5.80 25.46
CA ALA B 392 -26.04 -5.54 26.08
C ALA B 392 -26.44 -6.73 26.93
N SER B 393 -26.97 -6.45 28.12
CA SER B 393 -27.36 -7.49 29.05
C SER B 393 -28.82 -7.87 28.87
N ALA B 394 -29.30 -8.77 29.72
CA ALA B 394 -30.67 -9.25 29.67
C ALA B 394 -30.91 -10.21 30.82
N GLU B 395 -32.18 -10.49 31.12
CA GLU B 395 -32.54 -11.39 32.21
C GLU B 395 -33.57 -12.41 31.77
N LEU B 396 -33.32 -13.66 32.15
CA LEU B 396 -34.28 -14.74 31.90
C LEU B 396 -34.82 -15.25 33.24
N LYS B 397 -36.09 -14.98 33.49
CA LYS B 397 -36.77 -15.47 34.70
C LYS B 397 -37.54 -16.73 34.35
N LEU B 398 -38.19 -17.32 35.36
CA LEU B 398 -38.91 -18.57 35.17
C LEU B 398 -40.34 -18.46 35.69
N GLY B 399 -41.18 -19.40 35.29
CA GLY B 399 -42.57 -19.42 35.69
C GLY B 399 -43.08 -20.83 35.92
#